data_6Z74
#
_entry.id   6Z74
#
_cell.length_a   77.170
_cell.length_b   113.660
_cell.length_c   130.520
_cell.angle_alpha   90.00
_cell.angle_beta   90.00
_cell.angle_gamma   90.00
#
_symmetry.space_group_name_H-M   'P 21 21 21'
#
loop_
_entity.id
_entity.type
_entity.pdbx_description
1 polymer 'Transcriptional regulator, GntR family'
2 non-polymer 'ZINC ION'
3 non-polymer 'CITRIC ACID'
4 non-polymer GLYCEROL
5 non-polymer 1,2-ETHANEDIOL
6 non-polymer 'SULFATE ION'
7 non-polymer DI(HYDROXYETHYL)ETHER
8 non-polymer 'SODIUM ION'
9 water water
#
_entity_poly.entity_id   1
_entity_poly.type   'polypeptide(L)'
_entity_poly.pdbx_seq_one_letter_code
;MRQVDAATHGGRAVIELREKILSGELPGGMRLFEVSTAELLDISRTPVREALSRLTEEGLLNRLPGGGFVVRRFGFADVV
DAIEVRGVMEGTAARLAAERGVSKVALEEIDATVQQLDLCFGDRVDDVDFDGYAALNRIFHHQLAALCGSEMIRREVERA
SSLPFASPSAFLPDKANIGAFRRSLRGAQEQHKAIVAAIVAREGARAEAVAREHSRTARTNLEYMIREAPELIAQVPGLA
LISDHHHHHH
;
_entity_poly.pdbx_strand_id   A,B,C,D
#
loop_
_chem_comp.id
_chem_comp.type
_chem_comp.name
_chem_comp.formula
CIT non-polymer 'CITRIC ACID' 'C6 H8 O7'
EDO non-polymer 1,2-ETHANEDIOL 'C2 H6 O2'
GOL non-polymer GLYCEROL 'C3 H8 O3'
NA non-polymer 'SODIUM ION' 'Na 1'
PEG non-polymer DI(HYDROXYETHYL)ETHER 'C4 H10 O3'
SO4 non-polymer 'SULFATE ION' 'O4 S -2'
ZN non-polymer 'ZINC ION' 'Zn 2'
#
# COMPACT_ATOMS: atom_id res chain seq x y z
N THR A 8 3.38 -33.02 30.62
CA THR A 8 2.35 -32.71 31.62
C THR A 8 0.98 -33.28 31.23
N HIS A 9 0.13 -33.57 32.22
CA HIS A 9 -1.23 -34.10 32.02
C HIS A 9 -2.10 -33.11 31.23
N GLY A 10 -1.97 -31.81 31.56
CA GLY A 10 -2.67 -30.71 30.90
C GLY A 10 -2.31 -30.59 29.44
N GLY A 11 -1.01 -30.59 29.16
CA GLY A 11 -0.45 -30.51 27.82
C GLY A 11 -0.82 -31.68 26.94
N ARG A 12 -0.93 -32.90 27.51
CA ARG A 12 -1.31 -34.11 26.79
C ARG A 12 -2.80 -34.06 26.42
N ALA A 13 -3.65 -33.52 27.32
CA ALA A 13 -5.08 -33.33 27.10
C ALA A 13 -5.27 -32.31 25.94
N VAL A 14 -4.44 -31.25 25.91
CA VAL A 14 -4.46 -30.20 24.87
C VAL A 14 -4.16 -30.83 23.51
N ILE A 15 -3.08 -31.63 23.42
CA ILE A 15 -2.63 -32.30 22.20
C ILE A 15 -3.71 -33.23 21.64
N GLU A 16 -4.29 -34.10 22.50
CA GLU A 16 -5.34 -35.06 22.11
C GLU A 16 -6.58 -34.35 21.60
N LEU A 17 -7.06 -33.36 22.35
CA LEU A 17 -8.24 -32.58 21.99
C LEU A 17 -8.04 -31.82 20.66
N ARG A 18 -6.87 -31.16 20.48
CA ARG A 18 -6.53 -30.43 19.26
C ARG A 18 -6.55 -31.39 18.06
N GLU A 19 -5.95 -32.60 18.21
CA GLU A 19 -5.91 -33.63 17.16
C GLU A 19 -7.33 -34.02 16.71
N LYS A 20 -8.24 -34.23 17.68
CA LYS A 20 -9.63 -34.60 17.42
C LYS A 20 -10.43 -33.50 16.74
N ILE A 21 -10.11 -32.22 17.01
CA ILE A 21 -10.78 -31.07 16.38
C ILE A 21 -10.25 -30.95 14.92
N LEU A 22 -8.92 -31.05 14.75
CA LEU A 22 -8.22 -30.89 13.44
C LEU A 22 -8.53 -31.97 12.44
N SER A 23 -8.87 -33.18 12.92
CA SER A 23 -9.22 -34.31 12.08
C SER A 23 -10.71 -34.28 11.67
N GLY A 24 -11.49 -33.44 12.36
CA GLY A 24 -12.93 -33.36 12.16
C GLY A 24 -13.71 -34.37 12.98
N GLU A 25 -13.01 -35.18 13.82
CA GLU A 25 -13.60 -36.19 14.73
C GLU A 25 -14.60 -35.51 15.66
N LEU A 26 -14.25 -34.32 16.17
CA LEU A 26 -15.13 -33.46 16.97
C LEU A 26 -15.46 -32.33 15.98
N PRO A 27 -16.58 -32.42 15.23
CA PRO A 27 -16.82 -31.43 14.17
C PRO A 27 -17.25 -30.06 14.66
N GLY A 28 -17.15 -29.06 13.78
CA GLY A 28 -17.66 -27.72 14.06
C GLY A 28 -19.12 -27.76 14.49
N GLY A 29 -19.44 -27.01 15.53
CA GLY A 29 -20.79 -26.96 16.07
C GLY A 29 -21.01 -27.93 17.21
N MET A 30 -20.08 -28.89 17.42
CA MET A 30 -20.19 -29.84 18.52
C MET A 30 -19.96 -29.16 19.88
N ARG A 31 -20.96 -29.29 20.77
CA ARG A 31 -20.86 -28.75 22.12
C ARG A 31 -19.97 -29.66 22.99
N LEU A 32 -19.06 -29.07 23.77
CA LEU A 32 -18.14 -29.80 24.68
C LEU A 32 -18.32 -29.29 26.10
N PHE A 33 -18.42 -30.23 27.05
CA PHE A 33 -18.58 -29.91 28.47
C PHE A 33 -17.47 -30.62 29.20
N GLU A 34 -17.08 -30.09 30.35
CA GLU A 34 -15.97 -30.65 31.09
C GLU A 34 -16.10 -32.14 31.40
N VAL A 35 -17.16 -32.52 32.11
CA VAL A 35 -17.35 -33.91 32.54
C VAL A 35 -17.45 -34.88 31.34
N SER A 36 -18.28 -34.53 30.34
CA SER A 36 -18.48 -35.38 29.16
C SER A 36 -17.23 -35.45 28.26
N THR A 37 -16.40 -34.39 28.24
CA THR A 37 -15.15 -34.36 27.44
C THR A 37 -14.07 -35.19 28.15
N ALA A 38 -13.97 -35.06 29.51
CA ALA A 38 -13.06 -35.84 30.34
C ALA A 38 -13.34 -37.33 30.13
N GLU A 39 -14.64 -37.72 30.07
CA GLU A 39 -15.09 -39.11 29.86
C GLU A 39 -14.66 -39.58 28.44
N LEU A 40 -14.90 -38.75 27.40
CA LEU A 40 -14.55 -38.98 25.99
C LEU A 40 -13.04 -39.21 25.79
N LEU A 41 -12.18 -38.36 26.40
CA LEU A 41 -10.73 -38.45 26.27
C LEU A 41 -10.13 -39.45 27.26
N ASP A 42 -10.90 -39.86 28.30
CA ASP A 42 -10.48 -40.74 29.39
C ASP A 42 -9.29 -40.12 30.15
N ILE A 43 -9.51 -38.89 30.61
CA ILE A 43 -8.56 -38.05 31.34
C ILE A 43 -9.27 -37.40 32.55
N SER A 44 -8.50 -37.00 33.58
CA SER A 44 -9.00 -36.34 34.79
CA SER A 44 -9.03 -36.36 34.78
C SER A 44 -9.61 -34.96 34.49
N ARG A 45 -10.38 -34.42 35.44
CA ARG A 45 -11.07 -33.13 35.39
C ARG A 45 -10.16 -31.93 35.20
N THR A 46 -9.12 -31.83 36.02
CA THR A 46 -8.19 -30.71 36.01
C THR A 46 -7.51 -30.54 34.63
N PRO A 47 -6.87 -31.58 34.03
CA PRO A 47 -6.30 -31.37 32.67
C PRO A 47 -7.33 -31.05 31.58
N VAL A 48 -8.61 -31.57 31.66
CA VAL A 48 -9.67 -31.25 30.68
C VAL A 48 -10.05 -29.76 30.77
N ARG A 49 -10.11 -29.18 31.97
CA ARG A 49 -10.44 -27.75 32.15
C ARG A 49 -9.41 -26.89 31.48
N GLU A 50 -8.15 -27.25 31.68
CA GLU A 50 -7.04 -26.52 31.08
C GLU A 50 -7.06 -26.66 29.55
N ALA A 51 -7.31 -27.85 29.03
CA ALA A 51 -7.38 -28.11 27.59
C ALA A 51 -8.49 -27.32 26.90
N LEU A 52 -9.72 -27.35 27.44
CA LEU A 52 -10.85 -26.62 26.87
C LEU A 52 -10.63 -25.11 26.89
N SER A 53 -10.07 -24.57 27.99
CA SER A 53 -9.76 -23.14 28.11
C SER A 53 -8.63 -22.73 27.18
N ARG A 54 -7.55 -23.52 27.10
CA ARG A 54 -6.41 -23.22 26.21
C ARG A 54 -6.83 -23.23 24.75
N LEU A 55 -7.73 -24.17 24.35
CA LEU A 55 -8.15 -24.25 22.94
C LEU A 55 -9.17 -23.16 22.58
N THR A 56 -9.79 -22.51 23.59
CA THR A 56 -10.65 -21.34 23.38
C THR A 56 -9.73 -20.14 23.09
N GLU A 57 -8.66 -20.00 23.90
CA GLU A 57 -7.62 -18.96 23.76
C GLU A 57 -6.93 -19.09 22.40
N GLU A 58 -6.72 -20.33 21.91
CA GLU A 58 -6.11 -20.61 20.61
C GLU A 58 -7.05 -20.37 19.42
N GLY A 59 -8.35 -20.27 19.68
CA GLY A 59 -9.36 -20.02 18.66
C GLY A 59 -9.97 -21.23 17.99
N LEU A 60 -9.78 -22.45 18.59
CA LEU A 60 -10.39 -23.67 18.05
C LEU A 60 -11.76 -23.95 18.66
N LEU A 61 -12.02 -23.35 19.83
CA LEU A 61 -13.30 -23.47 20.53
C LEU A 61 -13.82 -22.10 20.88
N ASN A 62 -15.13 -21.98 21.04
CA ASN A 62 -15.78 -20.77 21.54
C ASN A 62 -16.49 -21.16 22.83
N ARG A 63 -16.61 -20.21 23.74
CA ARG A 63 -17.33 -20.39 25.00
C ARG A 63 -18.81 -20.17 24.72
N LEU A 64 -19.68 -20.97 25.34
CA LEU A 64 -21.13 -20.80 25.18
C LEU A 64 -21.66 -19.92 26.27
N PRO A 65 -22.71 -19.09 26.00
CA PRO A 65 -23.27 -18.21 27.05
C PRO A 65 -23.73 -18.91 28.35
N GLY A 66 -24.33 -20.10 28.27
CA GLY A 66 -24.80 -20.80 29.46
C GLY A 66 -23.75 -21.66 30.16
N GLY A 67 -22.52 -21.61 29.66
CA GLY A 67 -21.43 -22.46 30.17
C GLY A 67 -21.09 -23.53 29.13
N GLY A 68 -19.90 -24.11 29.23
CA GLY A 68 -19.44 -25.09 28.26
C GLY A 68 -18.80 -24.43 27.04
N PHE A 69 -18.45 -25.24 26.06
CA PHE A 69 -17.75 -24.83 24.86
C PHE A 69 -18.39 -25.40 23.61
N VAL A 70 -18.02 -24.85 22.43
CA VAL A 70 -18.51 -25.32 21.14
C VAL A 70 -17.31 -25.35 20.18
N VAL A 71 -17.16 -26.43 19.41
CA VAL A 71 -16.08 -26.50 18.43
C VAL A 71 -16.43 -25.44 17.38
N ARG A 72 -15.49 -24.55 17.12
CA ARG A 72 -15.63 -23.46 16.18
C ARG A 72 -15.77 -23.99 14.77
N ARG A 73 -16.76 -23.45 14.03
CA ARG A 73 -17.00 -23.89 12.66
C ARG A 73 -16.15 -23.09 11.71
N PHE A 74 -15.43 -23.77 10.80
CA PHE A 74 -14.69 -23.09 9.75
C PHE A 74 -15.13 -23.60 8.38
N GLY A 75 -15.56 -22.68 7.53
CA GLY A 75 -15.93 -22.92 6.14
C GLY A 75 -14.79 -22.42 5.28
N PHE A 76 -14.87 -22.61 3.97
CA PHE A 76 -13.84 -22.21 3.03
C PHE A 76 -13.54 -20.69 3.12
N ALA A 77 -14.60 -19.88 3.31
CA ALA A 77 -14.49 -18.41 3.42
C ALA A 77 -13.66 -18.00 4.65
N ASP A 78 -13.76 -18.78 5.75
CA ASP A 78 -12.98 -18.57 6.97
C ASP A 78 -11.52 -18.88 6.74
N VAL A 79 -11.21 -19.92 5.97
CA VAL A 79 -9.82 -20.30 5.62
C VAL A 79 -9.16 -19.14 4.83
N VAL A 80 -9.85 -18.65 3.79
CA VAL A 80 -9.40 -17.55 2.93
C VAL A 80 -9.18 -16.27 3.80
N ASP A 81 -10.15 -15.94 4.69
CA ASP A 81 -10.03 -14.76 5.56
C ASP A 81 -8.89 -14.89 6.59
N ALA A 82 -8.68 -16.11 7.12
CA ALA A 82 -7.58 -16.34 8.07
C ALA A 82 -6.22 -16.15 7.39
N ILE A 83 -6.07 -16.61 6.14
CA ILE A 83 -4.84 -16.46 5.36
C ILE A 83 -4.64 -14.97 5.03
N GLU A 84 -5.74 -14.26 4.71
CA GLU A 84 -5.73 -12.81 4.43
C GLU A 84 -5.18 -12.07 5.65
N VAL A 85 -5.66 -12.41 6.88
CA VAL A 85 -5.20 -11.78 8.13
C VAL A 85 -3.70 -12.10 8.38
N ARG A 86 -3.29 -13.35 8.10
CA ARG A 86 -1.90 -13.76 8.22
C ARG A 86 -0.98 -12.92 7.30
N GLY A 87 -1.36 -12.78 6.02
CA GLY A 87 -0.58 -11.97 5.07
C GLY A 87 -0.49 -10.52 5.47
N VAL A 88 -1.59 -9.98 5.98
CA VAL A 88 -1.61 -8.60 6.41
C VAL A 88 -0.65 -8.38 7.60
N MET A 89 -0.68 -9.31 8.58
CA MET A 89 0.18 -9.25 9.76
C MET A 89 1.66 -9.45 9.44
N GLU A 90 1.98 -10.41 8.56
CA GLU A 90 3.36 -10.65 8.12
C GLU A 90 3.87 -9.45 7.31
N GLY A 91 3.01 -8.85 6.51
CA GLY A 91 3.33 -7.60 5.79
C GLY A 91 3.68 -6.46 6.74
N THR A 92 2.97 -6.41 7.89
CA THR A 92 3.19 -5.43 8.95
C THR A 92 4.56 -5.69 9.60
N ALA A 93 4.90 -6.98 9.93
CA ALA A 93 6.19 -7.36 10.53
C ALA A 93 7.34 -6.93 9.60
N ALA A 94 7.19 -7.20 8.29
CA ALA A 94 8.20 -6.86 7.29
C ALA A 94 8.37 -5.32 7.18
N ARG A 95 7.26 -4.58 7.11
CA ARG A 95 7.31 -3.10 6.98
C ARG A 95 7.97 -2.47 8.23
N LEU A 96 7.58 -2.95 9.43
CA LEU A 96 8.15 -2.40 10.66
C LEU A 96 9.64 -2.70 10.80
N ALA A 97 10.09 -3.88 10.34
CA ALA A 97 11.51 -4.24 10.32
C ALA A 97 12.26 -3.28 9.37
N ALA A 98 11.67 -2.98 8.19
CA ALA A 98 12.26 -2.08 7.23
C ALA A 98 12.31 -0.64 7.74
N GLU A 99 11.23 -0.14 8.37
CA GLU A 99 11.18 1.24 8.89
C GLU A 99 12.09 1.46 10.10
N ARG A 100 12.03 0.55 11.10
CA ARG A 100 12.75 0.68 12.38
C ARG A 100 14.23 0.25 12.32
N GLY A 101 14.57 -0.58 11.32
CA GLY A 101 15.92 -1.12 11.17
C GLY A 101 16.08 -2.41 11.97
N VAL A 102 16.95 -3.31 11.49
CA VAL A 102 17.18 -4.62 12.11
C VAL A 102 18.66 -4.71 12.51
N SER A 103 18.96 -5.42 13.60
CA SER A 103 20.34 -5.61 14.06
C SER A 103 21.11 -6.48 13.05
N LYS A 104 22.43 -6.36 13.04
CA LYS A 104 23.34 -7.11 12.17
C LYS A 104 23.16 -8.62 12.37
N VAL A 105 23.02 -9.05 13.64
CA VAL A 105 22.86 -10.44 14.03
C VAL A 105 21.52 -11.04 13.52
N ALA A 106 20.38 -10.37 13.76
CA ALA A 106 19.05 -10.84 13.33
C ALA A 106 18.99 -10.98 11.81
N LEU A 107 19.61 -10.02 11.10
CA LEU A 107 19.68 -10.01 9.65
C LEU A 107 20.55 -11.17 9.10
N GLU A 108 21.68 -11.45 9.76
CA GLU A 108 22.58 -12.55 9.41
C GLU A 108 21.83 -13.91 9.56
N GLU A 109 21.07 -14.07 10.65
CA GLU A 109 20.30 -15.27 10.93
C GLU A 109 19.23 -15.54 9.86
N ILE A 110 18.41 -14.52 9.54
CA ILE A 110 17.33 -14.72 8.56
C ILE A 110 17.89 -14.94 7.15
N ASP A 111 19.01 -14.29 6.82
CA ASP A 111 19.67 -14.49 5.53
C ASP A 111 20.24 -15.92 5.44
N ALA A 112 20.75 -16.48 6.56
CA ALA A 112 21.26 -17.86 6.61
C ALA A 112 20.13 -18.85 6.29
N THR A 113 18.91 -18.59 6.80
CA THR A 113 17.74 -19.41 6.56
C THR A 113 17.38 -19.40 5.06
N VAL A 114 17.37 -18.21 4.46
CA VAL A 114 17.10 -18.04 3.03
C VAL A 114 18.12 -18.85 2.19
N GLN A 115 19.43 -18.73 2.48
CA GLN A 115 20.49 -19.49 1.78
C GLN A 115 20.29 -21.02 1.91
N GLN A 116 19.89 -21.47 3.13
CA GLN A 116 19.64 -22.89 3.41
C GLN A 116 18.42 -23.39 2.61
N LEU A 117 17.42 -22.51 2.41
CA LEU A 117 16.22 -22.82 1.65
C LEU A 117 16.52 -23.08 0.18
N ASP A 118 17.53 -22.38 -0.38
CA ASP A 118 18.00 -22.60 -1.77
C ASP A 118 18.47 -24.05 -1.97
N LEU A 119 19.03 -24.66 -0.90
CA LEU A 119 19.51 -26.05 -0.93
C LEU A 119 18.38 -27.11 -1.10
N CYS A 120 17.11 -26.71 -0.97
CA CYS A 120 15.96 -27.61 -1.11
C CYS A 120 15.50 -27.74 -2.57
N PHE A 121 16.21 -27.07 -3.51
CA PHE A 121 15.86 -27.09 -4.94
C PHE A 121 16.90 -27.73 -5.83
N GLY A 122 16.42 -28.61 -6.72
CA GLY A 122 17.21 -29.29 -7.74
C GLY A 122 17.10 -28.65 -9.11
N ASP A 123 17.61 -29.34 -10.15
CA ASP A 123 17.65 -28.87 -11.54
C ASP A 123 16.28 -28.85 -12.23
N ARG A 124 15.34 -29.68 -11.79
CA ARG A 124 14.00 -29.75 -12.38
C ARG A 124 12.97 -29.08 -11.46
N VAL A 125 11.86 -28.58 -12.02
CA VAL A 125 10.76 -27.94 -11.28
C VAL A 125 10.21 -28.87 -10.17
N ASP A 126 9.95 -30.14 -10.51
CA ASP A 126 9.47 -31.14 -9.54
C ASP A 126 10.54 -31.60 -8.53
N ASP A 127 11.83 -31.23 -8.72
CA ASP A 127 12.90 -31.61 -7.80
C ASP A 127 12.99 -30.60 -6.64
N VAL A 128 12.16 -30.85 -5.62
CA VAL A 128 12.06 -30.03 -4.40
C VAL A 128 11.99 -30.92 -3.14
N ASP A 129 12.90 -30.65 -2.16
CA ASP A 129 12.85 -31.35 -0.88
C ASP A 129 11.76 -30.65 -0.04
N PHE A 130 10.53 -31.19 -0.11
CA PHE A 130 9.38 -30.63 0.59
C PHE A 130 9.52 -30.64 2.12
N ASP A 131 10.03 -31.72 2.71
CA ASP A 131 10.20 -31.80 4.17
C ASP A 131 11.28 -30.84 4.69
N GLY A 132 12.39 -30.72 3.97
CA GLY A 132 13.46 -29.75 4.27
C GLY A 132 12.93 -28.33 4.09
N TYR A 133 12.19 -28.10 2.99
CA TYR A 133 11.59 -26.79 2.75
C TYR A 133 10.62 -26.40 3.86
N ALA A 134 9.69 -27.30 4.23
CA ALA A 134 8.71 -27.04 5.30
C ALA A 134 9.40 -26.60 6.61
N ALA A 135 10.44 -27.34 7.02
CA ALA A 135 11.14 -27.03 8.27
C ALA A 135 11.83 -25.66 8.21
N LEU A 136 12.63 -25.41 7.15
CA LEU A 136 13.35 -24.13 7.04
C LEU A 136 12.40 -22.94 6.86
N ASN A 137 11.29 -23.14 6.14
CA ASN A 137 10.27 -22.13 5.93
C ASN A 137 9.63 -21.69 7.26
N ARG A 138 9.31 -22.64 8.14
CA ARG A 138 8.74 -22.31 9.44
C ARG A 138 9.70 -21.37 10.18
N ILE A 139 11.01 -21.68 10.17
CA ILE A 139 12.06 -20.88 10.81
C ILE A 139 12.07 -19.47 10.19
N PHE A 140 12.09 -19.37 8.84
CA PHE A 140 12.09 -18.07 8.17
C PHE A 140 10.92 -17.19 8.66
N HIS A 141 9.68 -17.77 8.71
CA HIS A 141 8.51 -17.01 9.14
C HIS A 141 8.58 -16.65 10.62
N HIS A 142 9.19 -17.49 11.48
CA HIS A 142 9.36 -17.16 12.91
C HIS A 142 10.35 -15.99 13.04
N GLN A 143 11.45 -16.03 12.27
CA GLN A 143 12.47 -14.98 12.26
C GLN A 143 11.89 -13.65 11.75
N LEU A 144 11.06 -13.69 10.68
CA LEU A 144 10.43 -12.50 10.11
C LEU A 144 9.52 -11.79 11.14
N ALA A 145 8.69 -12.60 11.87
CA ALA A 145 7.76 -12.10 12.90
C ALA A 145 8.50 -11.33 14.03
N ALA A 146 9.74 -11.76 14.36
CA ALA A 146 10.56 -11.19 15.43
C ALA A 146 11.57 -10.14 14.98
N LEU A 147 11.76 -9.98 13.65
CA LEU A 147 12.76 -9.11 13.05
C LEU A 147 12.74 -7.63 13.51
N CYS A 148 11.54 -7.02 13.64
CA CYS A 148 11.46 -5.61 14.05
C CYS A 148 11.76 -5.39 15.54
N GLY A 149 11.83 -6.46 16.32
CA GLY A 149 12.15 -6.34 17.73
C GLY A 149 10.99 -5.99 18.64
N SER A 150 9.75 -5.93 18.12
CA SER A 150 8.58 -5.67 18.95
C SER A 150 7.95 -6.99 19.41
N GLU A 151 7.84 -7.20 20.72
CA GLU A 151 7.23 -8.40 21.29
C GLU A 151 5.73 -8.48 20.93
N MET A 152 5.04 -7.33 20.98
CA MET A 152 3.63 -7.21 20.64
C MET A 152 3.39 -7.62 19.17
N ILE A 153 4.23 -7.15 18.24
CA ILE A 153 4.11 -7.49 16.83
C ILE A 153 4.40 -8.98 16.66
N ARG A 154 5.50 -9.48 17.26
CA ARG A 154 5.88 -10.91 17.14
C ARG A 154 4.74 -11.82 17.58
N ARG A 155 4.15 -11.51 18.73
CA ARG A 155 3.04 -12.21 19.32
C ARG A 155 1.80 -12.23 18.40
N GLU A 156 1.43 -11.07 17.85
CA GLU A 156 0.24 -10.94 16.99
C GLU A 156 0.43 -11.59 15.63
N VAL A 157 1.65 -11.55 15.09
CA VAL A 157 1.93 -12.21 13.81
C VAL A 157 1.82 -13.73 14.03
N GLU A 158 2.41 -14.25 15.12
CA GLU A 158 2.34 -15.68 15.44
C GLU A 158 0.89 -16.14 15.68
N ARG A 159 0.10 -15.33 16.38
CA ARG A 159 -1.32 -15.65 16.60
C ARG A 159 -2.10 -15.75 15.25
N ALA A 160 -1.84 -14.82 14.33
CA ALA A 160 -2.45 -14.79 13.01
C ALA A 160 -1.98 -15.98 12.12
N SER A 161 -0.90 -16.67 12.51
CA SER A 161 -0.37 -17.80 11.75
C SER A 161 -0.62 -19.12 12.45
N SER A 162 -1.39 -19.14 13.53
CA SER A 162 -1.54 -20.31 14.37
C SER A 162 -2.65 -21.26 13.98
N LEU A 163 -3.73 -20.79 13.31
CA LEU A 163 -4.77 -21.74 12.86
C LEU A 163 -4.14 -22.73 11.89
N PRO A 164 -4.52 -24.03 11.90
CA PRO A 164 -3.80 -25.02 11.09
C PRO A 164 -3.66 -24.70 9.61
N PHE A 165 -4.71 -24.15 9.01
CA PHE A 165 -4.73 -23.81 7.59
C PHE A 165 -4.10 -22.43 7.27
N ALA A 166 -3.66 -21.66 8.29
CA ALA A 166 -3.00 -20.35 8.12
C ALA A 166 -1.53 -20.42 8.53
N SER A 167 -1.06 -21.60 8.92
N SER A 167 -1.06 -21.60 8.92
CA SER A 167 0.30 -21.81 9.39
CA SER A 167 0.32 -21.79 9.37
C SER A 167 1.28 -21.95 8.21
C SER A 167 1.27 -21.93 8.19
N PRO A 168 2.46 -21.27 8.25
CA PRO A 168 3.44 -21.45 7.17
C PRO A 168 3.89 -22.92 7.14
N SER A 169 4.10 -23.44 5.94
CA SER A 169 4.51 -24.80 5.60
C SER A 169 3.41 -25.83 5.80
N ALA A 170 2.15 -25.41 5.99
CA ALA A 170 1.09 -26.40 6.17
C ALA A 170 0.76 -27.09 4.84
N PHE A 171 0.54 -28.41 4.93
CA PHE A 171 0.10 -29.30 3.84
C PHE A 171 1.01 -29.29 2.60
N LEU A 172 2.34 -29.04 2.78
CA LEU A 172 3.30 -28.99 1.66
C LEU A 172 3.37 -30.31 0.92
N PRO A 173 3.48 -31.50 1.58
CA PRO A 173 3.46 -32.77 0.82
C PRO A 173 2.15 -32.97 0.08
N ASP A 174 1.00 -32.58 0.68
CA ASP A 174 -0.34 -32.71 0.07
C ASP A 174 -0.48 -31.83 -1.20
N LYS A 175 -0.01 -30.57 -1.12
CA LYS A 175 -0.03 -29.64 -2.28
C LYS A 175 0.88 -30.20 -3.38
N ALA A 176 2.06 -30.75 -2.96
CA ALA A 176 3.07 -31.33 -3.86
C ALA A 176 2.48 -32.50 -4.67
N ASN A 177 1.71 -33.39 -4.00
CA ASN A 177 1.06 -34.57 -4.59
C ASN A 177 0.14 -34.22 -5.77
N ILE A 178 -0.65 -33.15 -5.63
CA ILE A 178 -1.64 -32.77 -6.63
C ILE A 178 -1.22 -31.59 -7.53
N GLY A 179 0.00 -31.11 -7.39
CA GLY A 179 0.49 -29.99 -8.22
C GLY A 179 -0.20 -28.68 -7.88
N ALA A 180 -0.46 -28.45 -6.58
CA ALA A 180 -1.15 -27.24 -6.09
C ALA A 180 -0.23 -26.03 -5.93
N PHE A 181 1.06 -26.14 -6.28
CA PHE A 181 1.92 -24.96 -6.20
C PHE A 181 1.74 -24.12 -7.48
N ARG A 182 0.52 -23.53 -7.61
CA ARG A 182 0.13 -22.67 -8.75
C ARG A 182 1.09 -21.49 -8.82
N ARG A 183 1.48 -20.97 -7.65
CA ARG A 183 2.59 -20.05 -7.50
C ARG A 183 3.61 -21.05 -6.96
N SER A 184 4.68 -21.29 -7.73
CA SER A 184 5.71 -22.32 -7.45
C SER A 184 6.47 -22.06 -6.16
N LEU A 185 7.12 -23.11 -5.60
CA LEU A 185 7.96 -22.95 -4.40
C LEU A 185 9.22 -22.13 -4.71
N ARG A 186 9.70 -22.14 -5.97
CA ARG A 186 10.83 -21.29 -6.37
C ARG A 186 10.40 -19.84 -6.32
N GLY A 187 9.16 -19.56 -6.70
CA GLY A 187 8.60 -18.21 -6.66
C GLY A 187 8.44 -17.77 -5.22
N ALA A 188 8.07 -18.72 -4.35
CA ALA A 188 7.94 -18.45 -2.92
C ALA A 188 9.29 -18.07 -2.33
N GLN A 189 10.36 -18.78 -2.73
CA GLN A 189 11.72 -18.54 -2.28
C GLN A 189 12.26 -17.19 -2.82
N GLU A 190 11.92 -16.83 -4.06
CA GLU A 190 12.28 -15.51 -4.62
C GLU A 190 11.62 -14.39 -3.77
N GLN A 191 10.38 -14.64 -3.29
CA GLN A 191 9.66 -13.69 -2.41
C GLN A 191 10.35 -13.57 -1.05
N HIS A 192 10.87 -14.70 -0.49
CA HIS A 192 11.63 -14.69 0.78
C HIS A 192 12.85 -13.75 0.60
N LYS A 193 13.59 -13.88 -0.51
CA LYS A 193 14.77 -13.09 -0.82
C LYS A 193 14.41 -11.60 -0.94
N ALA A 194 13.32 -11.28 -1.65
CA ALA A 194 12.88 -9.89 -1.87
C ALA A 194 12.44 -9.22 -0.55
N ILE A 195 11.83 -10.00 0.36
CA ILE A 195 11.38 -9.49 1.67
C ILE A 195 12.61 -9.02 2.45
N VAL A 196 13.63 -9.88 2.56
CA VAL A 196 14.90 -9.60 3.24
C VAL A 196 15.60 -8.41 2.57
N ALA A 197 15.75 -8.44 1.22
CA ALA A 197 16.38 -7.33 0.48
C ALA A 197 15.66 -5.98 0.75
N ALA A 198 14.31 -5.98 0.76
CA ALA A 198 13.54 -4.74 1.00
C ALA A 198 13.76 -4.23 2.43
N ILE A 199 13.82 -5.15 3.41
CA ILE A 199 14.05 -4.79 4.81
C ILE A 199 15.47 -4.16 4.97
N VAL A 200 16.51 -4.79 4.38
CA VAL A 200 17.89 -4.30 4.37
C VAL A 200 17.97 -2.89 3.77
N ALA A 201 17.22 -2.67 2.66
CA ALA A 201 17.19 -1.38 1.94
C ALA A 201 16.30 -0.30 2.59
N ARG A 202 15.60 -0.64 3.73
CA ARG A 202 14.68 0.28 4.45
C ARG A 202 13.49 0.65 3.54
N GLU A 203 13.12 -0.28 2.66
CA GLU A 203 12.02 -0.09 1.72
C GLU A 203 10.76 -0.79 2.29
N GLY A 204 10.13 -0.10 3.25
CA GLY A 204 8.95 -0.57 3.98
C GLY A 204 7.74 -0.91 3.13
N ALA A 205 7.42 -0.05 2.15
CA ALA A 205 6.27 -0.32 1.27
C ALA A 205 6.50 -1.61 0.47
N ARG A 206 7.72 -1.79 -0.06
CA ARG A 206 8.06 -2.99 -0.83
C ARG A 206 8.01 -4.22 0.08
N ALA A 207 8.61 -4.13 1.29
CA ALA A 207 8.65 -5.25 2.24
C ALA A 207 7.24 -5.71 2.58
N GLU A 208 6.32 -4.76 2.87
CA GLU A 208 4.92 -5.09 3.16
C GLU A 208 4.24 -5.76 1.93
N ALA A 209 4.40 -5.15 0.74
CA ALA A 209 3.79 -5.64 -0.49
C ALA A 209 4.21 -7.08 -0.81
N VAL A 210 5.51 -7.39 -0.72
CA VAL A 210 6.03 -8.76 -1.01
C VAL A 210 5.58 -9.77 0.06
N ALA A 211 5.68 -9.40 1.35
CA ALA A 211 5.23 -10.30 2.42
C ALA A 211 3.73 -10.59 2.34
N ARG A 212 2.92 -9.59 2.00
CA ARG A 212 1.47 -9.81 1.83
C ARG A 212 1.21 -10.70 0.61
N GLU A 213 1.92 -10.45 -0.51
CA GLU A 213 1.77 -11.25 -1.74
C GLU A 213 2.19 -12.70 -1.53
N HIS A 214 3.23 -12.91 -0.72
CA HIS A 214 3.77 -14.22 -0.37
C HIS A 214 2.68 -15.11 0.23
N SER A 215 1.83 -14.54 1.12
N SER A 215 1.83 -14.52 1.10
CA SER A 215 0.71 -15.28 1.73
CA SER A 215 0.74 -15.23 1.73
C SER A 215 -0.49 -15.32 0.80
C SER A 215 -0.49 -15.30 0.82
N ARG A 216 -0.74 -14.24 0.02
CA ARG A 216 -1.90 -14.16 -0.91
C ARG A 216 -1.80 -15.28 -1.95
N THR A 217 -0.58 -15.58 -2.38
CA THR A 217 -0.29 -16.64 -3.33
C THR A 217 -0.34 -18.01 -2.67
N ALA A 218 -0.02 -18.10 -1.38
CA ALA A 218 -0.19 -19.33 -0.58
C ALA A 218 -1.70 -19.70 -0.52
N ARG A 219 -2.59 -18.69 -0.46
CA ARG A 219 -4.04 -18.90 -0.45
C ARG A 219 -4.55 -19.37 -1.80
N THR A 220 -3.98 -18.84 -2.91
CA THR A 220 -4.30 -19.31 -4.27
C THR A 220 -3.97 -20.83 -4.36
N ASN A 221 -2.84 -21.25 -3.81
CA ASN A 221 -2.40 -22.66 -3.78
C ASN A 221 -3.31 -23.54 -2.91
N LEU A 222 -3.72 -23.02 -1.72
CA LEU A 222 -4.57 -23.79 -0.83
C LEU A 222 -6.02 -23.87 -1.38
N GLU A 223 -6.48 -22.82 -2.10
CA GLU A 223 -7.79 -22.79 -2.77
C GLU A 223 -7.81 -23.86 -3.86
N TYR A 224 -6.74 -23.95 -4.65
CA TYR A 224 -6.64 -24.95 -5.71
C TYR A 224 -6.78 -26.35 -5.10
N MET A 225 -6.13 -26.58 -3.97
CA MET A 225 -6.18 -27.86 -3.31
C MET A 225 -7.58 -28.23 -2.78
N ILE A 226 -8.20 -27.34 -1.98
CA ILE A 226 -9.53 -27.55 -1.39
C ILE A 226 -10.57 -27.77 -2.49
N ARG A 227 -10.54 -26.94 -3.54
CA ARG A 227 -11.49 -27.03 -4.65
C ARG A 227 -11.23 -28.22 -5.60
N GLU A 228 -9.97 -28.48 -5.95
CA GLU A 228 -9.62 -29.52 -6.92
C GLU A 228 -9.37 -30.91 -6.33
N ALA A 229 -9.19 -31.02 -5.01
CA ALA A 229 -8.96 -32.32 -4.37
C ALA A 229 -9.87 -32.57 -3.15
N PRO A 230 -11.24 -32.49 -3.30
CA PRO A 230 -12.13 -32.74 -2.14
C PRO A 230 -11.98 -34.14 -1.56
N GLU A 231 -11.72 -35.14 -2.45
CA GLU A 231 -11.53 -36.56 -2.10
C GLU A 231 -10.34 -36.79 -1.18
N LEU A 232 -9.39 -35.83 -1.16
CA LEU A 232 -8.19 -35.92 -0.33
C LEU A 232 -8.24 -35.15 1.01
N ILE A 233 -8.83 -33.95 1.00
CA ILE A 233 -8.80 -33.03 2.16
C ILE A 233 -9.51 -33.61 3.41
N ALA A 234 -10.51 -34.50 3.24
CA ALA A 234 -11.19 -35.15 4.36
C ALA A 234 -10.23 -36.07 5.18
N GLN A 235 -9.02 -36.37 4.64
CA GLN A 235 -8.03 -37.21 5.31
C GLN A 235 -6.79 -36.40 5.72
N VAL A 236 -6.86 -35.08 5.54
CA VAL A 236 -5.77 -34.17 5.83
C VAL A 236 -6.01 -33.42 7.16
N PRO A 237 -5.23 -33.76 8.21
CA PRO A 237 -5.34 -33.03 9.49
C PRO A 237 -5.09 -31.53 9.28
N GLY A 238 -6.00 -30.72 9.79
CA GLY A 238 -5.91 -29.26 9.62
C GLY A 238 -6.79 -28.75 8.48
N LEU A 239 -7.26 -29.68 7.60
CA LEU A 239 -8.19 -29.36 6.52
C LEU A 239 -9.48 -30.12 6.65
N ALA A 240 -9.44 -31.34 7.23
CA ALA A 240 -10.60 -32.23 7.37
C ALA A 240 -11.72 -31.57 8.16
N LEU A 241 -11.36 -30.68 9.08
CA LEU A 241 -12.34 -29.95 9.88
C LEU A 241 -13.18 -28.93 9.08
N ILE A 242 -12.75 -28.54 7.83
CA ILE A 242 -13.50 -27.54 7.02
C ILE A 242 -14.91 -28.06 6.73
N SER A 243 -15.94 -27.28 7.19
CA SER A 243 -17.37 -27.62 7.18
C SER A 243 -18.01 -27.76 5.80
N ASP A 244 -17.58 -26.92 4.82
CA ASP A 244 -18.09 -26.93 3.44
C ASP A 244 -17.60 -28.16 2.68
N THR B 8 -24.00 -13.01 34.69
CA THR B 8 -23.40 -14.29 35.09
C THR B 8 -22.25 -14.11 36.09
N HIS B 9 -21.98 -15.17 36.89
CA HIS B 9 -20.91 -15.21 37.90
C HIS B 9 -19.54 -15.04 37.24
N GLY B 10 -19.38 -15.67 36.07
CA GLY B 10 -18.17 -15.63 35.24
C GLY B 10 -17.87 -14.22 34.73
N GLY B 11 -18.88 -13.57 34.15
CA GLY B 11 -18.82 -12.19 33.67
C GLY B 11 -18.53 -11.16 34.74
N ARG B 12 -19.06 -11.36 35.97
CA ARG B 12 -18.80 -10.48 37.11
C ARG B 12 -17.35 -10.63 37.61
N ALA B 13 -16.81 -11.86 37.58
CA ALA B 13 -15.43 -12.15 37.96
C ALA B 13 -14.49 -11.49 36.95
N VAL B 14 -14.86 -11.49 35.65
CA VAL B 14 -14.10 -10.85 34.57
C VAL B 14 -13.98 -9.34 34.85
N ILE B 15 -15.12 -8.68 35.12
CA ILE B 15 -15.21 -7.24 35.38
C ILE B 15 -14.30 -6.83 36.56
N GLU B 16 -14.46 -7.52 37.71
CA GLU B 16 -13.69 -7.24 38.93
C GLU B 16 -12.18 -7.45 38.74
N LEU B 17 -11.79 -8.57 38.11
CA LEU B 17 -10.39 -8.90 37.84
C LEU B 17 -9.74 -7.88 36.89
N ARG B 18 -10.46 -7.49 35.81
CA ARG B 18 -10.00 -6.49 34.85
C ARG B 18 -9.75 -5.14 35.58
N GLU B 19 -10.67 -4.74 36.47
CA GLU B 19 -10.57 -3.50 37.26
C GLU B 19 -9.28 -3.50 38.12
N LYS B 20 -8.98 -4.64 38.78
CA LYS B 20 -7.80 -4.80 39.65
C LYS B 20 -6.48 -4.79 38.87
N ILE B 21 -6.49 -5.28 37.61
CA ILE B 21 -5.32 -5.26 36.73
C ILE B 21 -5.09 -3.82 36.24
N LEU B 22 -6.15 -3.16 35.72
CA LEU B 22 -6.06 -1.81 35.17
C LEU B 22 -5.70 -0.74 36.20
N SER B 23 -6.09 -0.92 37.48
CA SER B 23 -5.77 0.02 38.56
C SER B 23 -4.32 -0.15 39.06
N GLY B 24 -3.70 -1.27 38.70
CA GLY B 24 -2.34 -1.61 39.13
C GLY B 24 -2.31 -2.33 40.46
N GLU B 25 -3.52 -2.63 41.03
CA GLU B 25 -3.69 -3.37 42.29
C GLU B 25 -3.01 -4.75 42.15
N LEU B 26 -3.17 -5.39 40.97
CA LEU B 26 -2.50 -6.64 40.60
C LEU B 26 -1.47 -6.16 39.57
N PRO B 27 -0.21 -5.86 39.99
CA PRO B 27 0.74 -5.27 39.02
C PRO B 27 1.29 -6.23 37.98
N GLY B 28 1.87 -5.67 36.92
CA GLY B 28 2.51 -6.44 35.86
C GLY B 28 3.58 -7.34 36.45
N GLY B 29 3.63 -8.58 36.01
CA GLY B 29 4.59 -9.57 36.52
C GLY B 29 4.06 -10.41 37.66
N MET B 30 2.92 -10.02 38.28
CA MET B 30 2.31 -10.79 39.37
C MET B 30 1.74 -12.11 38.84
N ARG B 31 2.12 -13.23 39.54
CA ARG B 31 1.68 -14.60 39.24
C ARG B 31 0.32 -14.88 39.86
N LEU B 32 -0.63 -15.29 39.02
CA LEU B 32 -1.98 -15.57 39.47
C LEU B 32 -2.29 -17.02 39.23
N PHE B 33 -3.01 -17.61 40.19
CA PHE B 33 -3.52 -18.97 40.19
C PHE B 33 -4.99 -18.90 40.58
N GLU B 34 -5.74 -19.97 40.30
CA GLU B 34 -7.16 -20.07 40.67
C GLU B 34 -7.43 -19.80 42.15
N VAL B 35 -6.70 -20.47 43.05
CA VAL B 35 -6.91 -20.37 44.51
C VAL B 35 -6.64 -18.95 45.00
N SER B 36 -5.46 -18.39 44.70
CA SER B 36 -5.08 -17.04 45.14
C SER B 36 -5.97 -15.92 44.53
N THR B 37 -6.45 -16.10 43.27
CA THR B 37 -7.32 -15.12 42.59
C THR B 37 -8.73 -15.18 43.22
N ALA B 38 -9.24 -16.42 43.43
CA ALA B 38 -10.54 -16.67 44.05
C ALA B 38 -10.61 -16.05 45.43
N GLU B 39 -9.51 -16.15 46.21
CA GLU B 39 -9.36 -15.62 47.56
C GLU B 39 -9.41 -14.10 47.53
N LEU B 40 -8.60 -13.50 46.66
CA LEU B 40 -8.50 -12.06 46.45
C LEU B 40 -9.82 -11.41 45.97
N LEU B 41 -10.57 -12.09 45.08
CA LEU B 41 -11.85 -11.56 44.59
C LEU B 41 -13.01 -11.93 45.51
N ASP B 42 -12.80 -12.89 46.43
CA ASP B 42 -13.81 -13.45 47.31
C ASP B 42 -14.99 -13.99 46.46
N ILE B 43 -14.63 -14.81 45.46
CA ILE B 43 -15.51 -15.44 44.47
C ILE B 43 -15.13 -16.94 44.38
N SER B 44 -16.07 -17.80 43.93
CA SER B 44 -15.86 -19.24 43.75
CA SER B 44 -15.84 -19.23 43.78
C SER B 44 -14.79 -19.51 42.67
N ARG B 45 -14.11 -20.68 42.73
CA ARG B 45 -13.07 -21.06 41.74
C ARG B 45 -13.58 -21.19 40.29
N THR B 46 -14.81 -21.73 40.09
CA THR B 46 -15.44 -21.95 38.75
C THR B 46 -15.48 -20.61 37.95
N PRO B 47 -16.14 -19.49 38.45
CA PRO B 47 -16.08 -18.22 37.69
C PRO B 47 -14.66 -17.65 37.57
N VAL B 48 -13.79 -17.88 38.58
CA VAL B 48 -12.40 -17.36 38.53
C VAL B 48 -11.61 -18.01 37.38
N ARG B 49 -11.78 -19.33 37.18
CA ARG B 49 -11.15 -20.13 36.12
C ARG B 49 -11.52 -19.57 34.75
N GLU B 50 -12.80 -19.24 34.57
CA GLU B 50 -13.29 -18.62 33.35
C GLU B 50 -12.72 -17.19 33.17
N ALA B 51 -12.70 -16.39 34.26
CA ALA B 51 -12.18 -15.01 34.25
C ALA B 51 -10.69 -14.97 33.85
N LEU B 52 -9.88 -15.88 34.42
CA LEU B 52 -8.44 -15.96 34.10
C LEU B 52 -8.18 -16.26 32.62
N SER B 53 -8.95 -17.23 32.08
CA SER B 53 -8.86 -17.62 30.66
C SER B 53 -9.37 -16.49 29.71
N ARG B 54 -10.51 -15.85 30.05
CA ARG B 54 -11.06 -14.74 29.25
C ARG B 54 -10.11 -13.54 29.21
N LEU B 55 -9.42 -13.24 30.35
CA LEU B 55 -8.49 -12.10 30.40
C LEU B 55 -7.14 -12.41 29.72
N THR B 56 -6.86 -13.70 29.46
CA THR B 56 -5.71 -14.14 28.67
C THR B 56 -6.06 -13.87 27.20
N GLU B 57 -7.31 -14.23 26.77
CA GLU B 57 -7.79 -13.98 25.41
C GLU B 57 -7.82 -12.46 25.11
N GLU B 58 -8.17 -11.65 26.13
CA GLU B 58 -8.22 -10.19 26.02
C GLU B 58 -6.83 -9.55 25.97
N GLY B 59 -5.80 -10.30 26.38
CA GLY B 59 -4.42 -9.82 26.36
C GLY B 59 -3.95 -9.16 27.63
N LEU B 60 -4.72 -9.24 28.74
CA LEU B 60 -4.31 -8.63 30.01
C LEU B 60 -3.47 -9.59 30.86
N LEU B 61 -3.58 -10.89 30.58
CA LEU B 61 -2.80 -11.92 31.26
C LEU B 61 -2.14 -12.81 30.23
N ASN B 62 -1.06 -13.47 30.61
CA ASN B 62 -0.41 -14.49 29.79
C ASN B 62 -0.45 -15.79 30.60
N ARG B 63 -0.57 -16.92 29.92
CA ARG B 63 -0.51 -18.24 30.51
C ARG B 63 0.94 -18.61 30.69
N LEU B 64 1.28 -19.20 31.81
CA LEU B 64 2.64 -19.63 32.04
C LEU B 64 2.72 -21.13 31.74
N PRO B 65 3.87 -21.66 31.29
CA PRO B 65 3.98 -23.13 31.18
C PRO B 65 3.89 -23.68 32.63
N GLY B 66 2.76 -24.28 32.97
CA GLY B 66 2.50 -24.76 34.33
C GLY B 66 1.07 -24.69 34.88
N GLY B 67 0.16 -24.04 34.16
CA GLY B 67 -1.24 -23.95 34.58
C GLY B 67 -1.72 -22.61 35.14
N GLY B 68 -0.78 -21.79 35.60
CA GLY B 68 -1.05 -20.46 36.15
C GLY B 68 -0.92 -19.35 35.12
N PHE B 69 -1.03 -18.13 35.57
CA PHE B 69 -1.06 -16.94 34.74
C PHE B 69 -0.11 -15.88 35.29
N VAL B 70 0.17 -14.84 34.48
CA VAL B 70 0.98 -13.70 34.86
C VAL B 70 0.33 -12.42 34.32
N VAL B 71 0.28 -11.35 35.14
CA VAL B 71 -0.28 -10.06 34.70
C VAL B 71 0.72 -9.48 33.68
N ARG B 72 0.27 -9.26 32.44
CA ARG B 72 1.07 -8.70 31.35
C ARG B 72 1.57 -7.25 31.66
N ARG B 73 2.87 -7.01 31.47
CA ARG B 73 3.52 -5.70 31.63
C ARG B 73 3.47 -4.97 30.26
N PHE B 74 3.11 -3.68 30.26
CA PHE B 74 3.05 -2.86 29.04
C PHE B 74 3.91 -1.63 29.16
N GLY B 75 4.62 -1.30 28.09
CA GLY B 75 5.39 -0.08 27.97
C GLY B 75 4.74 0.81 26.92
N PHE B 76 5.27 2.00 26.73
CA PHE B 76 4.82 2.97 25.73
C PHE B 76 4.86 2.35 24.32
N ALA B 77 5.92 1.55 24.02
CA ALA B 77 6.11 0.88 22.72
C ALA B 77 4.94 -0.06 22.43
N ASP B 78 4.41 -0.74 23.47
CA ASP B 78 3.25 -1.64 23.37
C ASP B 78 1.99 -0.87 23.00
N VAL B 79 1.80 0.34 23.56
CA VAL B 79 0.64 1.20 23.29
C VAL B 79 0.66 1.60 21.80
N VAL B 80 1.82 2.11 21.35
CA VAL B 80 2.01 2.55 19.97
C VAL B 80 1.82 1.39 18.98
N ASP B 81 2.39 0.21 19.29
CA ASP B 81 2.24 -0.97 18.42
C ASP B 81 0.79 -1.47 18.39
N ALA B 82 0.07 -1.42 19.53
CA ALA B 82 -1.34 -1.83 19.59
C ALA B 82 -2.22 -0.93 18.73
N ILE B 83 -1.98 0.39 18.75
CA ILE B 83 -2.72 1.35 17.92
C ILE B 83 -2.38 1.09 16.43
N GLU B 84 -1.12 0.80 16.12
CA GLU B 84 -0.65 0.48 14.77
C GLU B 84 -1.37 -0.79 14.24
N VAL B 85 -1.49 -1.84 15.09
CA VAL B 85 -2.16 -3.09 14.72
C VAL B 85 -3.67 -2.84 14.50
N ARG B 86 -4.31 -2.01 15.34
CA ARG B 86 -5.71 -1.66 15.11
C ARG B 86 -5.89 -0.97 13.73
N GLY B 87 -5.07 0.04 13.42
CA GLY B 87 -5.10 0.77 12.15
C GLY B 87 -4.89 -0.15 10.96
N VAL B 88 -3.96 -1.11 11.10
CA VAL B 88 -3.68 -2.11 10.05
C VAL B 88 -4.92 -2.98 9.81
N MET B 89 -5.55 -3.46 10.90
CA MET B 89 -6.76 -4.31 10.82
C MET B 89 -7.99 -3.54 10.31
N GLU B 90 -8.18 -2.29 10.76
CA GLU B 90 -9.28 -1.45 10.29
C GLU B 90 -9.06 -1.10 8.78
N GLY B 91 -7.80 -0.92 8.38
CA GLY B 91 -7.42 -0.71 6.97
C GLY B 91 -7.78 -1.94 6.13
N THR B 92 -7.62 -3.15 6.72
CA THR B 92 -7.97 -4.43 6.10
C THR B 92 -9.50 -4.52 5.92
N ALA B 93 -10.29 -4.20 6.98
CA ALA B 93 -11.75 -4.24 6.91
C ALA B 93 -12.24 -3.27 5.81
N ALA B 94 -11.64 -2.05 5.73
CA ALA B 94 -11.98 -1.04 4.74
C ALA B 94 -11.65 -1.53 3.31
N ARG B 95 -10.46 -2.08 3.10
CA ARG B 95 -10.04 -2.57 1.78
C ARG B 95 -10.95 -3.74 1.31
N LEU B 96 -11.23 -4.70 2.22
CA LEU B 96 -12.07 -5.85 1.87
C LEU B 96 -13.50 -5.44 1.55
N ALA B 97 -14.03 -4.42 2.24
CA ALA B 97 -15.36 -3.87 1.94
C ALA B 97 -15.34 -3.24 0.52
N ALA B 98 -14.25 -2.51 0.19
CA ALA B 98 -14.09 -1.86 -1.11
C ALA B 98 -13.93 -2.89 -2.24
N GLU B 99 -13.14 -3.95 -2.02
CA GLU B 99 -12.92 -5.00 -3.04
C GLU B 99 -14.11 -5.92 -3.26
N ARG B 100 -14.71 -6.42 -2.16
CA ARG B 100 -15.80 -7.40 -2.22
C ARG B 100 -17.19 -6.81 -2.44
N GLY B 101 -17.36 -5.56 -2.03
CA GLY B 101 -18.65 -4.91 -2.12
C GLY B 101 -19.36 -4.98 -0.79
N VAL B 102 -20.30 -4.07 -0.58
CA VAL B 102 -21.07 -3.95 0.66
C VAL B 102 -22.55 -3.98 0.28
N SER B 103 -23.39 -4.61 1.11
CA SER B 103 -24.83 -4.67 0.92
C SER B 103 -25.43 -3.26 1.05
N LYS B 104 -26.60 -3.04 0.42
CA LYS B 104 -27.32 -1.77 0.45
C LYS B 104 -27.62 -1.36 1.90
N VAL B 105 -28.06 -2.32 2.73
CA VAL B 105 -28.42 -2.13 4.14
C VAL B 105 -27.21 -1.69 5.00
N ALA B 106 -26.08 -2.43 4.94
CA ALA B 106 -24.87 -2.11 5.71
C ALA B 106 -24.32 -0.72 5.35
N LEU B 107 -24.38 -0.36 4.05
CA LEU B 107 -23.93 0.93 3.55
C LEU B 107 -24.82 2.06 4.07
N GLU B 108 -26.15 1.85 4.06
CA GLU B 108 -27.14 2.81 4.56
C GLU B 108 -26.92 3.09 6.05
N GLU B 109 -26.65 2.04 6.84
CA GLU B 109 -26.40 2.12 8.28
C GLU B 109 -25.14 2.95 8.59
N ILE B 110 -24.02 2.67 7.89
CA ILE B 110 -22.75 3.37 8.16
C ILE B 110 -22.79 4.80 7.60
N ASP B 111 -23.56 5.03 6.54
CA ASP B 111 -23.75 6.39 6.02
C ASP B 111 -24.54 7.22 7.00
N ALA B 112 -25.50 6.58 7.72
CA ALA B 112 -26.34 7.24 8.73
C ALA B 112 -25.49 7.69 9.91
N THR B 113 -24.50 6.84 10.32
CA THR B 113 -23.58 7.14 11.42
C THR B 113 -22.70 8.34 11.05
N VAL B 114 -22.19 8.37 9.80
CA VAL B 114 -21.35 9.46 9.28
C VAL B 114 -22.16 10.78 9.28
N GLN B 115 -23.42 10.72 8.83
CA GLN B 115 -24.30 11.90 8.79
C GLN B 115 -24.56 12.42 10.20
N GLN B 116 -24.79 11.51 11.18
CA GLN B 116 -25.01 11.89 12.58
C GLN B 116 -23.75 12.51 13.21
N LEU B 117 -22.57 11.96 12.85
CA LEU B 117 -21.26 12.44 13.30
C LEU B 117 -20.99 13.89 12.83
N ASP B 118 -21.49 14.27 11.63
CA ASP B 118 -21.37 15.63 11.09
C ASP B 118 -22.12 16.65 11.94
N LEU B 119 -23.24 16.23 12.58
CA LEU B 119 -24.08 17.07 13.45
C LEU B 119 -23.35 17.51 14.74
N CYS B 120 -22.20 16.89 15.06
CA CYS B 120 -21.41 17.22 16.25
C CYS B 120 -20.53 18.46 16.03
N PHE B 121 -20.47 18.99 14.79
CA PHE B 121 -19.59 20.12 14.46
C PHE B 121 -20.32 21.42 14.17
N GLY B 122 -19.85 22.47 14.85
CA GLY B 122 -20.38 23.82 14.75
C GLY B 122 -19.55 24.71 13.85
N ASP B 123 -19.85 26.02 13.86
CA ASP B 123 -19.19 27.05 13.04
C ASP B 123 -17.75 27.38 13.46
N ARG B 124 -17.43 27.33 14.78
CA ARG B 124 -16.09 27.59 15.29
C ARG B 124 -15.28 26.29 15.40
N VAL B 125 -13.96 26.35 15.14
CA VAL B 125 -13.03 25.20 15.17
C VAL B 125 -13.15 24.41 16.49
N ASP B 126 -13.53 25.10 17.58
CA ASP B 126 -13.73 24.60 18.95
C ASP B 126 -15.11 23.97 19.19
N ASP B 127 -16.16 24.47 18.52
CA ASP B 127 -17.55 24.00 18.68
C ASP B 127 -17.72 22.54 18.21
N VAL B 128 -17.49 21.58 19.14
CA VAL B 128 -17.59 20.13 18.88
C VAL B 128 -18.30 19.39 20.06
N ASP B 129 -19.43 18.67 19.76
CA ASP B 129 -20.14 17.81 20.73
C ASP B 129 -19.27 16.53 20.86
N PHE B 130 -18.31 16.61 21.81
CA PHE B 130 -17.30 15.61 22.11
C PHE B 130 -17.86 14.25 22.54
N ASP B 131 -18.82 14.24 23.50
CA ASP B 131 -19.43 13.02 24.02
C ASP B 131 -20.26 12.28 22.98
N GLY B 132 -21.00 13.04 22.17
CA GLY B 132 -21.79 12.51 21.06
C GLY B 132 -20.89 11.89 20.02
N TYR B 133 -19.75 12.56 19.72
CA TYR B 133 -18.75 12.10 18.77
C TYR B 133 -18.14 10.79 19.25
N ALA B 134 -17.73 10.71 20.53
CA ALA B 134 -17.11 9.51 21.11
C ALA B 134 -18.02 8.27 20.99
N ALA B 135 -19.33 8.42 21.28
CA ALA B 135 -20.33 7.34 21.21
C ALA B 135 -20.60 6.90 19.77
N LEU B 136 -20.80 7.87 18.86
CA LEU B 136 -21.03 7.58 17.44
C LEU B 136 -19.77 7.02 16.76
N ASN B 137 -18.59 7.42 17.26
CA ASN B 137 -17.30 6.93 16.76
C ASN B 137 -17.20 5.43 17.00
N ARG B 138 -17.61 4.96 18.19
CA ARG B 138 -17.59 3.53 18.54
C ARG B 138 -18.46 2.74 17.56
N ILE B 139 -19.67 3.26 17.28
CA ILE B 139 -20.62 2.65 16.34
C ILE B 139 -20.00 2.57 14.94
N PHE B 140 -19.45 3.69 14.46
CA PHE B 140 -18.80 3.75 13.15
C PHE B 140 -17.73 2.67 13.03
N HIS B 141 -16.83 2.56 14.01
CA HIS B 141 -15.76 1.58 13.95
C HIS B 141 -16.29 0.14 14.04
N HIS B 142 -17.40 -0.12 14.80
CA HIS B 142 -18.01 -1.45 14.85
C HIS B 142 -18.60 -1.78 13.46
N GLN B 143 -19.27 -0.81 12.84
CA GLN B 143 -19.86 -0.98 11.52
C GLN B 143 -18.80 -1.21 10.44
N LEU B 144 -17.66 -0.50 10.51
CA LEU B 144 -16.55 -0.67 9.57
C LEU B 144 -15.97 -2.10 9.65
N ALA B 145 -15.79 -2.63 10.87
CA ALA B 145 -15.27 -4.01 11.10
C ALA B 145 -16.15 -5.09 10.44
N ALA B 146 -17.47 -4.87 10.41
CA ALA B 146 -18.48 -5.80 9.90
C ALA B 146 -18.88 -5.53 8.43
N LEU B 147 -18.45 -4.39 7.85
CA LEU B 147 -18.84 -3.94 6.52
C LEU B 147 -18.62 -4.92 5.38
N CYS B 148 -17.50 -5.63 5.31
CA CYS B 148 -17.28 -6.58 4.20
C CYS B 148 -18.15 -7.88 4.31
N GLY B 149 -18.79 -8.08 5.45
CA GLY B 149 -19.65 -9.24 5.67
C GLY B 149 -18.93 -10.51 6.09
N SER B 150 -17.62 -10.43 6.40
CA SER B 150 -16.90 -11.62 6.87
C SER B 150 -16.88 -11.66 8.39
N GLU B 151 -17.39 -12.75 8.98
CA GLU B 151 -17.38 -12.94 10.44
C GLU B 151 -15.95 -13.06 10.99
N MET B 152 -15.08 -13.75 10.27
CA MET B 152 -13.68 -13.94 10.65
C MET B 152 -12.96 -12.57 10.68
N ILE B 153 -13.18 -11.71 9.66
CA ILE B 153 -12.58 -10.38 9.62
C ILE B 153 -13.10 -9.55 10.78
N ARG B 154 -14.45 -9.52 10.97
CA ARG B 154 -15.07 -8.74 12.04
C ARG B 154 -14.48 -9.14 13.39
N ARG B 155 -14.41 -10.44 13.64
CA ARG B 155 -13.87 -11.01 14.88
C ARG B 155 -12.41 -10.54 15.13
N GLU B 156 -11.56 -10.66 14.12
CA GLU B 156 -10.13 -10.28 14.18
C GLU B 156 -9.92 -8.77 14.29
N VAL B 157 -10.73 -7.97 13.60
CA VAL B 157 -10.66 -6.50 13.71
C VAL B 157 -11.07 -6.11 15.13
N GLU B 158 -12.16 -6.70 15.67
CA GLU B 158 -12.62 -6.41 17.03
C GLU B 158 -11.58 -6.82 18.08
N ARG B 159 -10.91 -7.96 17.88
CA ARG B 159 -9.87 -8.41 18.79
C ARG B 159 -8.70 -7.43 18.79
N ALA B 160 -8.27 -6.98 17.60
CA ALA B 160 -7.20 -6.00 17.48
C ALA B 160 -7.59 -4.64 18.14
N SER B 161 -8.88 -4.40 18.40
CA SER B 161 -9.35 -3.17 19.03
C SER B 161 -9.73 -3.43 20.49
N SER B 162 -9.37 -4.63 21.05
CA SER B 162 -9.75 -5.08 22.40
C SER B 162 -8.88 -4.58 23.57
N LEU B 163 -7.60 -4.19 23.36
CA LEU B 163 -6.85 -3.65 24.51
C LEU B 163 -7.47 -2.30 24.98
N PRO B 164 -7.45 -2.00 26.32
CA PRO B 164 -8.03 -0.74 26.81
C PRO B 164 -7.51 0.51 26.12
N PHE B 165 -6.20 0.52 25.74
CA PHE B 165 -5.54 1.64 25.03
C PHE B 165 -5.45 1.46 23.47
N ALA B 166 -6.03 0.39 22.90
CA ALA B 166 -6.04 0.18 21.45
C ALA B 166 -7.46 0.37 20.83
N SER B 167 -8.47 0.57 21.68
N SER B 167 -8.47 0.56 21.68
CA SER B 167 -9.86 0.76 21.33
CA SER B 167 -9.86 0.73 21.28
C SER B 167 -10.08 2.08 20.61
C SER B 167 -10.08 2.08 20.58
N PRO B 168 -11.04 2.17 19.64
CA PRO B 168 -11.23 3.44 18.90
C PRO B 168 -11.57 4.64 19.75
N SER B 169 -12.26 4.47 20.87
N SER B 169 -12.24 4.42 20.89
CA SER B 169 -12.54 5.67 21.65
CA SER B 169 -12.65 5.48 21.79
C SER B 169 -11.74 5.71 23.00
C SER B 169 -11.74 5.67 23.02
N ALA B 170 -10.66 4.88 23.12
CA ALA B 170 -9.74 4.89 24.27
C ALA B 170 -9.11 6.26 24.57
N PHE B 171 -8.71 6.97 23.50
CA PHE B 171 -8.06 8.26 23.60
C PHE B 171 -9.03 9.43 23.47
N LEU B 172 -10.33 9.15 23.71
CA LEU B 172 -11.37 10.16 23.78
C LEU B 172 -12.08 10.03 25.15
N PRO B 173 -11.35 10.06 26.30
CA PRO B 173 -12.06 9.99 27.60
C PRO B 173 -12.81 11.31 27.85
N ASP B 174 -13.88 11.29 28.66
CA ASP B 174 -14.72 12.46 28.96
C ASP B 174 -13.94 13.75 29.28
N LYS B 175 -12.80 13.62 30.02
CA LYS B 175 -11.98 14.76 30.47
C LYS B 175 -11.07 15.31 29.36
N ALA B 176 -10.95 14.57 28.23
CA ALA B 176 -10.18 15.02 27.07
C ALA B 176 -11.04 15.98 26.23
N ASN B 177 -12.22 16.39 26.73
CA ASN B 177 -13.10 17.35 26.06
C ASN B 177 -12.51 18.76 26.26
N ILE B 178 -11.41 19.04 25.55
CA ILE B 178 -10.67 20.30 25.59
C ILE B 178 -10.45 20.78 24.15
N GLY B 179 -10.13 22.07 24.00
CA GLY B 179 -9.89 22.72 22.71
C GLY B 179 -9.11 21.94 21.68
N ALA B 180 -7.88 21.53 22.05
CA ALA B 180 -6.95 20.80 21.18
C ALA B 180 -7.53 19.49 20.64
N PHE B 181 -8.32 18.77 21.47
CA PHE B 181 -8.95 17.51 21.09
C PHE B 181 -10.14 17.76 20.16
N ARG B 182 -10.98 18.76 20.48
CA ARG B 182 -12.15 19.09 19.67
C ARG B 182 -11.73 19.53 18.26
N ARG B 183 -10.62 20.31 18.16
CA ARG B 183 -10.09 20.76 16.87
C ARG B 183 -9.62 19.56 16.00
N SER B 184 -9.03 18.50 16.62
CA SER B 184 -8.54 17.27 15.95
C SER B 184 -9.65 16.39 15.36
N LEU B 185 -10.86 16.44 15.99
CA LEU B 185 -12.02 15.64 15.59
C LEU B 185 -12.59 15.98 14.22
N ARG B 186 -12.35 17.23 13.74
CA ARG B 186 -12.82 17.70 12.44
C ARG B 186 -12.16 16.88 11.33
N GLY B 187 -10.83 16.79 11.39
CA GLY B 187 -10.01 16.01 10.46
C GLY B 187 -10.31 14.53 10.55
N ALA B 188 -10.61 14.01 11.79
CA ALA B 188 -10.94 12.60 12.01
C ALA B 188 -12.26 12.25 11.32
N GLN B 189 -13.22 13.17 11.39
CA GLN B 189 -14.53 12.97 10.75
C GLN B 189 -14.40 12.98 9.20
N GLU B 190 -13.51 13.84 8.66
CA GLU B 190 -13.26 13.89 7.21
C GLU B 190 -12.70 12.53 6.79
N GLN B 191 -11.87 11.90 7.64
CA GLN B 191 -11.31 10.57 7.37
C GLN B 191 -12.42 9.50 7.37
N HIS B 192 -13.40 9.58 8.31
CA HIS B 192 -14.56 8.67 8.33
C HIS B 192 -15.31 8.74 6.98
N LYS B 193 -15.57 9.96 6.48
CA LYS B 193 -16.26 10.21 5.21
C LYS B 193 -15.48 9.63 4.03
N ALA B 194 -14.15 9.87 4.00
CA ALA B 194 -13.27 9.38 2.91
C ALA B 194 -13.20 7.86 2.86
N ILE B 195 -13.25 7.19 4.05
CA ILE B 195 -13.23 5.73 4.15
C ILE B 195 -14.47 5.18 3.44
N VAL B 196 -15.65 5.70 3.81
CA VAL B 196 -16.93 5.30 3.23
C VAL B 196 -16.97 5.62 1.71
N ALA B 197 -16.57 6.84 1.31
CA ALA B 197 -16.51 7.23 -0.12
C ALA B 197 -15.60 6.27 -0.92
N ALA B 198 -14.41 5.93 -0.38
CA ALA B 198 -13.46 5.03 -1.06
C ALA B 198 -14.08 3.61 -1.20
N ILE B 199 -14.77 3.13 -0.17
CA ILE B 199 -15.43 1.82 -0.19
C ILE B 199 -16.54 1.81 -1.29
N VAL B 200 -17.39 2.85 -1.34
CA VAL B 200 -18.45 2.99 -2.34
C VAL B 200 -17.86 3.00 -3.77
N ALA B 201 -16.71 3.69 -3.95
CA ALA B 201 -16.03 3.80 -5.25
C ALA B 201 -15.18 2.58 -5.62
N ARG B 202 -15.12 1.52 -4.74
CA ARG B 202 -14.33 0.28 -4.94
C ARG B 202 -12.84 0.62 -5.01
N GLU B 203 -12.44 1.66 -4.28
CA GLU B 203 -11.06 2.14 -4.23
C GLU B 203 -10.41 1.58 -2.96
N GLY B 204 -10.05 0.28 -3.01
CA GLY B 204 -9.47 -0.48 -1.91
C GLY B 204 -8.19 0.09 -1.34
N ALA B 205 -7.25 0.51 -2.22
CA ALA B 205 -5.96 1.08 -1.77
C ALA B 205 -6.22 2.37 -0.97
N ARG B 206 -7.11 3.23 -1.47
CA ARG B 206 -7.46 4.47 -0.77
C ARG B 206 -8.13 4.18 0.56
N ALA B 207 -9.14 3.26 0.56
CA ALA B 207 -9.86 2.87 1.78
C ALA B 207 -8.90 2.38 2.88
N GLU B 208 -7.96 1.49 2.52
CA GLU B 208 -6.97 0.96 3.44
C GLU B 208 -6.06 2.10 3.96
N ALA B 209 -5.51 2.92 3.05
CA ALA B 209 -4.64 4.05 3.38
C ALA B 209 -5.26 5.04 4.39
N VAL B 210 -6.52 5.44 4.15
CA VAL B 210 -7.24 6.39 5.02
C VAL B 210 -7.55 5.77 6.37
N ALA B 211 -8.06 4.50 6.38
CA ALA B 211 -8.38 3.83 7.64
C ALA B 211 -7.14 3.61 8.51
N ARG B 212 -6.01 3.27 7.89
CA ARG B 212 -4.77 3.10 8.62
C ARG B 212 -4.27 4.46 9.18
N GLU B 213 -4.35 5.53 8.38
CA GLU B 213 -3.95 6.89 8.78
C GLU B 213 -4.83 7.42 9.90
N HIS B 214 -6.12 7.09 9.86
CA HIS B 214 -7.10 7.49 10.86
C HIS B 214 -6.65 7.10 12.27
N SER B 215 -6.04 5.91 12.42
CA SER B 215 -5.57 5.41 13.73
C SER B 215 -4.40 6.24 14.29
N ARG B 216 -3.69 7.03 13.43
CA ARG B 216 -2.65 7.94 13.90
C ARG B 216 -3.22 9.09 14.75
N THR B 217 -4.54 9.35 14.65
CA THR B 217 -5.21 10.37 15.45
C THR B 217 -5.08 10.00 16.93
N ALA B 218 -5.28 8.69 17.28
CA ALA B 218 -5.15 8.21 18.67
C ALA B 218 -3.71 8.35 19.11
N ARG B 219 -2.74 8.04 18.21
CA ARG B 219 -1.32 8.16 18.53
C ARG B 219 -0.93 9.62 18.84
N THR B 220 -1.47 10.58 18.07
CA THR B 220 -1.26 12.02 18.25
C THR B 220 -1.90 12.45 19.57
N ASN B 221 -3.11 11.94 19.88
CA ASN B 221 -3.79 12.23 21.15
C ASN B 221 -2.93 11.76 22.32
N LEU B 222 -2.32 10.56 22.20
CA LEU B 222 -1.43 9.98 23.21
C LEU B 222 -0.22 10.89 23.43
N GLU B 223 0.44 11.29 22.33
CA GLU B 223 1.60 12.17 22.37
C GLU B 223 1.26 13.55 22.97
N TYR B 224 0.02 14.05 22.75
CA TYR B 224 -0.45 15.32 23.31
C TYR B 224 -0.63 15.18 24.82
N MET B 225 -1.18 14.03 25.27
CA MET B 225 -1.37 13.73 26.69
C MET B 225 -0.03 13.70 27.42
N ILE B 226 0.99 13.04 26.84
CA ILE B 226 2.32 12.95 27.42
C ILE B 226 3.00 14.33 27.54
N ARG B 227 3.03 15.09 26.44
CA ARG B 227 3.72 16.38 26.36
C ARG B 227 2.98 17.58 26.95
N GLU B 228 1.69 17.75 26.64
CA GLU B 228 0.92 18.93 27.05
C GLU B 228 -0.12 18.73 28.15
N ALA B 229 -0.71 17.54 28.28
CA ALA B 229 -1.74 17.32 29.32
C ALA B 229 -1.54 16.00 30.13
N PRO B 230 -0.48 15.90 31.00
CA PRO B 230 -0.23 14.65 31.74
C PRO B 230 -1.37 14.19 32.66
N GLU B 231 -2.24 15.13 33.08
CA GLU B 231 -3.41 14.87 33.94
C GLU B 231 -4.41 13.91 33.25
N LEU B 232 -4.44 13.92 31.89
CA LEU B 232 -5.31 13.07 31.07
C LEU B 232 -4.86 11.60 31.00
N ILE B 233 -3.55 11.30 31.22
CA ILE B 233 -2.99 9.94 31.16
C ILE B 233 -3.83 8.96 32.02
N ALA B 234 -4.13 9.33 33.28
CA ALA B 234 -4.92 8.56 34.24
C ALA B 234 -6.38 8.31 33.80
N GLN B 235 -6.86 9.06 32.78
CA GLN B 235 -8.23 8.92 32.25
C GLN B 235 -8.34 7.79 31.23
N VAL B 236 -7.21 7.34 30.66
CA VAL B 236 -7.18 6.25 29.67
C VAL B 236 -6.90 4.92 30.45
N PRO B 237 -7.82 3.92 30.44
CA PRO B 237 -7.61 2.69 31.26
C PRO B 237 -6.27 1.97 31.07
N GLY B 238 -5.52 1.82 32.17
CA GLY B 238 -4.21 1.17 32.21
C GLY B 238 -2.99 1.98 31.80
N LEU B 239 -3.20 3.20 31.26
CA LEU B 239 -2.12 4.09 30.82
C LEU B 239 -1.23 4.61 31.93
N ALA B 240 -1.83 4.97 33.09
CA ALA B 240 -1.11 5.51 34.26
C ALA B 240 -0.06 4.55 34.84
N LEU B 241 -0.23 3.23 34.60
CA LEU B 241 0.66 2.15 35.04
C LEU B 241 2.03 2.22 34.33
N ILE B 242 2.02 2.47 33.00
CA ILE B 242 3.18 2.56 32.10
C ILE B 242 4.21 3.61 32.64
N SER B 243 5.46 3.15 32.84
CA SER B 243 6.54 3.96 33.42
C SER B 243 7.49 4.68 32.42
N ASP B 244 7.45 4.31 31.12
CA ASP B 244 8.33 4.91 30.10
C ASP B 244 7.63 5.86 29.11
N HIS B 245 6.59 6.59 29.57
CA HIS B 245 5.84 7.55 28.75
C HIS B 245 6.70 8.69 28.22
N GLY C 11 9.53 32.16 -27.05
CA GLY C 11 9.38 33.59 -26.86
C GLY C 11 7.93 34.01 -26.66
N ARG C 12 7.55 35.17 -27.25
CA ARG C 12 6.19 35.70 -27.14
C ARG C 12 5.17 34.93 -27.98
N ALA C 13 5.64 34.12 -28.95
CA ALA C 13 4.79 33.27 -29.77
C ALA C 13 4.20 32.15 -28.91
N VAL C 14 5.03 31.58 -27.99
CA VAL C 14 4.63 30.52 -27.05
C VAL C 14 3.51 31.04 -26.15
N ILE C 15 3.71 32.23 -25.54
CA ILE C 15 2.77 32.89 -24.63
C ILE C 15 1.41 33.11 -25.30
N GLU C 16 1.40 33.74 -26.49
CA GLU C 16 0.18 34.03 -27.25
C GLU C 16 -0.57 32.76 -27.64
N LEU C 17 0.15 31.77 -28.20
CA LEU C 17 -0.43 30.49 -28.62
C LEU C 17 -1.02 29.72 -27.43
N ARG C 18 -0.27 29.66 -26.30
CA ARG C 18 -0.69 29.02 -25.06
C ARG C 18 -2.00 29.63 -24.55
N GLU C 19 -2.10 30.99 -24.56
CA GLU C 19 -3.27 31.76 -24.14
C GLU C 19 -4.49 31.37 -24.98
N LYS C 20 -4.33 31.28 -26.33
CA LYS C 20 -5.40 30.93 -27.26
C LYS C 20 -5.90 29.48 -27.10
N ILE C 21 -5.01 28.55 -26.68
CA ILE C 21 -5.37 27.15 -26.43
C ILE C 21 -6.14 27.07 -25.09
N LEU C 22 -5.58 27.67 -24.02
CA LEU C 22 -6.17 27.65 -22.68
C LEU C 22 -7.52 28.35 -22.58
N SER C 23 -7.79 29.37 -23.41
CA SER C 23 -9.07 30.09 -23.42
C SER C 23 -10.14 29.33 -24.21
N GLY C 24 -9.70 28.34 -25.00
CA GLY C 24 -10.58 27.56 -25.86
C GLY C 24 -10.80 28.20 -27.22
N GLU C 25 -10.11 29.35 -27.49
CA GLU C 25 -10.15 30.08 -28.77
C GLU C 25 -9.72 29.14 -29.91
N LEU C 26 -8.68 28.33 -29.66
CA LEU C 26 -8.20 27.28 -30.55
C LEU C 26 -8.67 26.00 -29.84
N PRO C 27 -9.87 25.47 -30.18
CA PRO C 27 -10.41 24.34 -29.42
C PRO C 27 -9.73 23.01 -29.67
N GLY C 28 -9.94 22.05 -28.77
CA GLY C 28 -9.42 20.70 -28.91
C GLY C 28 -9.88 20.10 -30.22
N GLY C 29 -8.95 19.43 -30.90
CA GLY C 29 -9.21 18.83 -32.20
C GLY C 29 -8.86 19.71 -33.38
N MET C 30 -8.63 21.03 -33.13
CA MET C 30 -8.26 21.97 -34.20
C MET C 30 -6.84 21.68 -34.69
N ARG C 31 -6.70 21.51 -35.99
CA ARG C 31 -5.41 21.27 -36.59
C ARG C 31 -4.67 22.58 -36.78
N LEU C 32 -3.37 22.58 -36.45
CA LEU C 32 -2.52 23.77 -36.59
C LEU C 32 -1.33 23.44 -37.48
N PHE C 33 -1.02 24.39 -38.40
CA PHE C 33 0.08 24.29 -39.34
C PHE C 33 0.88 25.56 -39.21
N GLU C 34 2.19 25.48 -39.49
CA GLU C 34 3.14 26.59 -39.32
C GLU C 34 2.72 27.88 -40.04
N VAL C 35 2.33 27.80 -41.33
CA VAL C 35 1.96 28.98 -42.14
C VAL C 35 0.65 29.61 -41.62
N SER C 36 -0.42 28.80 -41.50
CA SER C 36 -1.74 29.26 -41.05
C SER C 36 -1.73 29.84 -39.61
N THR C 37 -0.83 29.33 -38.74
CA THR C 37 -0.68 29.79 -37.35
C THR C 37 0.10 31.11 -37.30
N ALA C 38 1.17 31.21 -38.13
CA ALA C 38 1.99 32.42 -38.28
C ALA C 38 1.11 33.57 -38.75
N GLU C 39 0.13 33.28 -39.63
CA GLU C 39 -0.84 34.23 -40.17
C GLU C 39 -1.82 34.66 -39.05
N LEU C 40 -2.38 33.68 -38.30
CA LEU C 40 -3.33 33.88 -37.19
C LEU C 40 -2.74 34.76 -36.06
N LEU C 41 -1.49 34.48 -35.67
CA LEU C 41 -0.81 35.22 -34.59
C LEU C 41 -0.15 36.51 -35.10
N ASP C 42 0.04 36.65 -36.43
CA ASP C 42 0.72 37.76 -37.10
C ASP C 42 2.17 37.87 -36.60
N ILE C 43 2.90 36.75 -36.70
CA ILE C 43 4.28 36.56 -36.27
C ILE C 43 5.03 35.76 -37.37
N SER C 44 6.38 35.87 -37.43
CA SER C 44 7.23 35.14 -38.40
C SER C 44 7.14 33.60 -38.19
N ARG C 45 7.50 32.81 -39.22
CA ARG C 45 7.43 31.35 -39.19
C ARG C 45 8.41 30.70 -38.21
N THR C 46 9.63 31.24 -38.07
CA THR C 46 10.67 30.73 -37.16
C THR C 46 10.15 30.68 -35.68
N PRO C 47 9.68 31.81 -35.07
CA PRO C 47 9.13 31.71 -33.70
C PRO C 47 7.87 30.81 -33.59
N VAL C 48 7.03 30.75 -34.64
CA VAL C 48 5.82 29.91 -34.66
C VAL C 48 6.20 28.43 -34.59
N ARG C 49 7.24 28.03 -35.36
CA ARG C 49 7.78 26.67 -35.38
C ARG C 49 8.21 26.23 -33.99
N GLU C 50 8.94 27.11 -33.28
CA GLU C 50 9.41 26.88 -31.92
C GLU C 50 8.21 26.78 -30.98
N ALA C 51 7.22 27.67 -31.13
CA ALA C 51 6.01 27.69 -30.29
C ALA C 51 5.21 26.39 -30.41
N LEU C 52 4.99 25.92 -31.66
CA LEU C 52 4.25 24.67 -31.91
C LEU C 52 4.94 23.45 -31.28
N SER C 53 6.27 23.38 -31.44
CA SER C 53 7.09 22.30 -30.88
C SER C 53 7.12 22.34 -29.36
N ARG C 54 7.32 23.55 -28.76
CA ARG C 54 7.35 23.72 -27.31
C ARG C 54 6.01 23.34 -26.67
N LEU C 55 4.89 23.67 -27.31
CA LEU C 55 3.57 23.36 -26.75
C LEU C 55 3.19 21.87 -26.92
N THR C 56 3.92 21.14 -27.82
CA THR C 56 3.78 19.69 -27.97
C THR C 56 4.51 19.05 -26.78
N GLU C 57 5.72 19.56 -26.47
CA GLU C 57 6.57 19.12 -25.33
C GLU C 57 5.85 19.38 -24.00
N GLU C 58 5.08 20.48 -23.93
CA GLU C 58 4.30 20.85 -22.74
C GLU C 58 3.02 20.00 -22.59
N GLY C 59 2.59 19.33 -23.66
CA GLY C 59 1.40 18.48 -23.65
C GLY C 59 0.10 19.14 -24.02
N LEU C 60 0.16 20.36 -24.60
CA LEU C 60 -1.05 21.08 -25.04
C LEU C 60 -1.42 20.76 -26.49
N LEU C 61 -0.43 20.29 -27.26
CA LEU C 61 -0.62 19.90 -28.65
C LEU C 61 -0.06 18.51 -28.86
N ASN C 62 -0.55 17.82 -29.89
CA ASN C 62 -0.02 16.55 -30.36
C ASN C 62 0.44 16.75 -31.79
N ARG C 63 1.46 16.01 -32.20
CA ARG C 63 1.98 16.02 -33.55
C ARG C 63 1.12 15.07 -34.36
N LEU C 64 0.83 15.45 -35.61
CA LEU C 64 0.06 14.58 -36.48
C LEU C 64 0.98 13.77 -37.37
N PRO C 65 0.61 12.50 -37.73
CA PRO C 65 1.43 11.76 -38.69
C PRO C 65 1.25 12.44 -40.04
N GLY C 66 2.34 12.72 -40.69
CA GLY C 66 2.26 13.43 -41.95
C GLY C 66 2.51 14.92 -41.82
N GLY C 67 2.62 15.38 -40.58
CA GLY C 67 2.95 16.77 -40.36
C GLY C 67 1.83 17.59 -39.77
N GLY C 68 2.23 18.70 -39.16
CA GLY C 68 1.33 19.60 -38.48
C GLY C 68 1.05 19.12 -37.06
N PHE C 69 0.16 19.85 -36.38
CA PHE C 69 -0.19 19.64 -35.00
C PHE C 69 -1.70 19.66 -34.82
N VAL C 70 -2.17 19.18 -33.65
CA VAL C 70 -3.58 19.18 -33.29
C VAL C 70 -3.70 19.63 -31.82
N VAL C 71 -4.68 20.51 -31.51
CA VAL C 71 -4.91 20.95 -30.13
C VAL C 71 -5.46 19.73 -29.36
N ARG C 72 -4.76 19.34 -28.29
CA ARG C 72 -5.12 18.21 -27.48
C ARG C 72 -6.48 18.42 -26.79
N ARG C 73 -7.35 17.40 -26.87
CA ARG C 73 -8.67 17.44 -26.26
C ARG C 73 -8.63 16.98 -24.81
N PHE C 74 -9.19 17.77 -23.88
CA PHE C 74 -9.29 17.35 -22.48
C PHE C 74 -10.74 17.40 -22.02
N GLY C 75 -11.19 16.32 -21.40
CA GLY C 75 -12.50 16.19 -20.77
C GLY C 75 -12.29 16.15 -19.27
N PHE C 76 -13.40 16.06 -18.49
N PHE C 76 -13.38 16.08 -18.47
CA PHE C 76 -13.39 15.97 -17.02
CA PHE C 76 -13.24 16.05 -17.01
C PHE C 76 -12.58 14.76 -16.57
C PHE C 76 -12.62 14.72 -16.51
N ALA C 77 -12.72 13.63 -17.31
CA ALA C 77 -12.05 12.34 -16.98
C ALA C 77 -10.53 12.53 -17.06
N ASP C 78 -10.04 13.35 -18.02
CA ASP C 78 -8.62 13.68 -18.18
C ASP C 78 -8.11 14.49 -17.01
N VAL C 79 -8.94 15.44 -16.50
CA VAL C 79 -8.57 16.27 -15.35
C VAL C 79 -8.39 15.40 -14.11
N VAL C 80 -9.37 14.51 -13.84
CA VAL C 80 -9.37 13.57 -12.71
C VAL C 80 -8.15 12.64 -12.79
N ASP C 81 -7.86 12.08 -14.00
CA ASP C 81 -6.72 11.20 -14.20
C ASP C 81 -5.40 11.93 -14.00
N ALA C 82 -5.31 13.21 -14.44
CA ALA C 82 -4.10 14.02 -14.30
C ALA C 82 -3.85 14.35 -12.83
N ILE C 83 -4.92 14.62 -12.06
CA ILE C 83 -4.78 14.89 -10.61
C ILE C 83 -4.30 13.61 -9.89
N GLU C 84 -4.85 12.47 -10.31
CA GLU C 84 -4.51 11.14 -9.77
C GLU C 84 -3.03 10.86 -10.03
N VAL C 85 -2.53 11.12 -11.26
CA VAL C 85 -1.10 10.95 -11.62
C VAL C 85 -0.21 11.90 -10.80
N ARG C 86 -0.61 13.17 -10.60
CA ARG C 86 0.17 14.06 -9.74
C ARG C 86 0.28 13.47 -8.30
N GLY C 87 -0.86 13.02 -7.75
CA GLY C 87 -0.91 12.42 -6.43
C GLY C 87 0.00 11.21 -6.31
N VAL C 88 0.02 10.35 -7.36
CA VAL C 88 0.85 9.14 -7.42
C VAL C 88 2.33 9.56 -7.41
N MET C 89 2.70 10.54 -8.23
CA MET C 89 4.07 11.05 -8.33
C MET C 89 4.54 11.79 -7.07
N GLU C 90 3.69 12.60 -6.46
CA GLU C 90 3.99 13.27 -5.18
C GLU C 90 4.14 12.25 -4.05
N GLY C 91 3.32 11.18 -4.10
CA GLY C 91 3.41 10.05 -3.18
C GLY C 91 4.74 9.32 -3.31
N THR C 92 5.23 9.21 -4.55
CA THR C 92 6.53 8.61 -4.87
C THR C 92 7.66 9.47 -4.30
N ALA C 93 7.62 10.81 -4.51
CA ALA C 93 8.63 11.74 -3.98
C ALA C 93 8.66 11.63 -2.43
N ALA C 94 7.49 11.56 -1.78
CA ALA C 94 7.39 11.44 -0.32
C ALA C 94 7.98 10.09 0.14
N ARG C 95 7.63 8.97 -0.50
CA ARG C 95 8.12 7.64 -0.14
C ARG C 95 9.67 7.56 -0.30
N LEU C 96 10.18 8.06 -1.43
CA LEU C 96 11.63 8.03 -1.67
C LEU C 96 12.40 8.89 -0.69
N ALA C 97 11.84 10.03 -0.27
CA ALA C 97 12.46 10.89 0.74
C ALA C 97 12.50 10.11 2.09
N ALA C 98 11.41 9.41 2.42
CA ALA C 98 11.31 8.61 3.65
C ALA C 98 12.28 7.42 3.64
N GLU C 99 12.40 6.70 2.50
CA GLU C 99 13.28 5.53 2.39
C GLU C 99 14.76 5.90 2.33
N ARG C 100 15.13 6.89 1.48
CA ARG C 100 16.53 7.26 1.24
C ARG C 100 17.12 8.19 2.27
N GLY C 101 16.26 8.96 2.90
CA GLY C 101 16.70 9.97 3.87
C GLY C 101 16.77 11.31 3.21
N VAL C 102 16.68 12.35 4.05
CA VAL C 102 16.70 13.75 3.61
C VAL C 102 17.78 14.45 4.42
N SER C 103 18.48 15.43 3.80
CA SER C 103 19.50 16.23 4.48
C SER C 103 18.84 17.09 5.56
N LYS C 104 19.62 17.47 6.60
CA LYS C 104 19.16 18.31 7.72
C LYS C 104 18.57 19.63 7.21
N VAL C 105 19.24 20.25 6.23
CA VAL C 105 18.87 21.52 5.62
C VAL C 105 17.52 21.44 4.88
N ALA C 106 17.36 20.46 3.96
CA ALA C 106 16.12 20.27 3.17
C ALA C 106 14.92 20.02 4.08
N LEU C 107 15.14 19.26 5.16
CA LEU C 107 14.10 18.95 6.15
C LEU C 107 13.68 20.20 6.94
N GLU C 108 14.67 21.02 7.34
CA GLU C 108 14.44 22.27 8.06
C GLU C 108 13.63 23.25 7.21
N GLU C 109 13.94 23.33 5.89
CA GLU C 109 13.24 24.18 4.92
C GLU C 109 11.78 23.79 4.75
N ILE C 110 11.47 22.48 4.54
CA ILE C 110 10.08 22.07 4.31
C ILE C 110 9.27 22.20 5.61
N ASP C 111 9.91 21.97 6.76
CA ASP C 111 9.25 22.14 8.05
C ASP C 111 8.92 23.61 8.28
N ALA C 112 9.80 24.54 7.87
CA ALA C 112 9.59 26.00 7.96
C ALA C 112 8.36 26.41 7.15
N THR C 113 8.18 25.83 5.95
CA THR C 113 7.02 26.09 5.07
C THR C 113 5.73 25.64 5.77
N VAL C 114 5.76 24.45 6.40
CA VAL C 114 4.63 23.88 7.14
C VAL C 114 4.24 24.81 8.31
N GLN C 115 5.25 25.32 9.07
CA GLN C 115 5.03 26.25 10.18
C GLN C 115 4.41 27.55 9.65
N GLN C 116 4.87 28.03 8.48
CA GLN C 116 4.37 29.21 7.80
C GLN C 116 2.91 29.03 7.36
N LEU C 117 2.60 27.84 6.82
CA LEU C 117 1.24 27.50 6.39
C LEU C 117 0.24 27.51 7.56
N ASP C 118 0.67 27.10 8.78
CA ASP C 118 -0.19 27.13 9.98
C ASP C 118 -0.65 28.55 10.30
N LEU C 119 0.20 29.56 10.05
CA LEU C 119 -0.11 30.99 10.27
C LEU C 119 -1.23 31.53 9.37
N CYS C 120 -1.65 30.77 8.34
CA CYS C 120 -2.72 31.14 7.42
C CYS C 120 -4.10 30.92 8.03
N PHE C 121 -4.18 30.15 9.13
CA PHE C 121 -5.44 29.76 9.76
C PHE C 121 -5.78 30.51 11.03
N GLY C 122 -6.99 31.07 11.02
CA GLY C 122 -7.58 31.82 12.13
C GLY C 122 -8.32 30.93 13.11
N ASP C 123 -9.10 31.55 14.03
CA ASP C 123 -9.85 30.87 15.08
C ASP C 123 -11.15 30.24 14.62
N ARG C 124 -11.81 30.79 13.58
CA ARG C 124 -13.05 30.23 13.03
C ARG C 124 -12.72 29.36 11.82
N VAL C 125 -13.55 28.31 11.57
CA VAL C 125 -13.38 27.32 10.48
C VAL C 125 -13.22 27.99 9.10
N ASP C 126 -13.83 29.19 8.94
CA ASP C 126 -13.86 30.02 7.75
C ASP C 126 -12.63 30.93 7.58
N ASP C 127 -12.00 31.37 8.69
CA ASP C 127 -10.87 32.29 8.69
C ASP C 127 -9.58 31.65 8.17
N VAL C 128 -9.27 31.86 6.87
CA VAL C 128 -8.06 31.34 6.21
C VAL C 128 -7.51 32.43 5.26
N ASP C 129 -6.18 32.69 5.29
CA ASP C 129 -5.56 33.61 4.34
C ASP C 129 -5.35 32.75 3.08
N PHE C 130 -6.33 32.78 2.20
CA PHE C 130 -6.38 31.98 0.99
C PHE C 130 -5.21 32.21 0.04
N ASP C 131 -4.83 33.48 -0.17
CA ASP C 131 -3.75 33.84 -1.07
C ASP C 131 -2.38 33.44 -0.52
N GLY C 132 -2.20 33.61 0.79
CA GLY C 132 -0.98 33.22 1.49
C GLY C 132 -0.82 31.72 1.46
N TYR C 133 -1.93 30.99 1.70
CA TYR C 133 -1.97 29.52 1.66
C TYR C 133 -1.58 29.03 0.25
N ALA C 134 -2.19 29.61 -0.81
CA ALA C 134 -1.94 29.20 -2.18
C ALA C 134 -0.45 29.35 -2.57
N ALA C 135 0.21 30.48 -2.19
CA ALA C 135 1.62 30.76 -2.47
C ALA C 135 2.56 29.80 -1.69
N LEU C 136 2.29 29.62 -0.38
CA LEU C 136 3.09 28.71 0.44
C LEU C 136 2.90 27.24 0.05
N ASN C 137 1.69 26.89 -0.42
CA ASN C 137 1.35 25.55 -0.90
C ASN C 137 2.24 25.20 -2.11
N ARG C 138 2.43 26.15 -3.06
CA ARG C 138 3.30 25.94 -4.23
C ARG C 138 4.73 25.63 -3.78
N ILE C 139 5.26 26.40 -2.80
CA ILE C 139 6.60 26.21 -2.25
C ILE C 139 6.71 24.82 -1.62
N PHE C 140 5.73 24.44 -0.76
CA PHE C 140 5.71 23.15 -0.10
C PHE C 140 5.79 22.02 -1.14
N HIS C 141 4.95 22.08 -2.19
CA HIS C 141 4.94 21.01 -3.20
C HIS C 141 6.23 21.00 -4.01
N HIS C 142 6.88 22.16 -4.25
CA HIS C 142 8.16 22.20 -4.97
C HIS C 142 9.23 21.57 -4.08
N GLN C 143 9.23 21.88 -2.78
CA GLN C 143 10.18 21.32 -1.81
C GLN C 143 10.02 19.79 -1.66
N LEU C 144 8.76 19.30 -1.63
CA LEU C 144 8.47 17.87 -1.52
C LEU C 144 9.03 17.11 -2.75
N ALA C 145 8.84 17.66 -3.99
CA ALA C 145 9.30 17.06 -5.24
C ALA C 145 10.85 16.88 -5.25
N ALA C 146 11.59 17.81 -4.60
CA ALA C 146 13.05 17.82 -4.56
C ALA C 146 13.66 17.17 -3.29
N LEU C 147 12.82 16.82 -2.30
CA LEU C 147 13.23 16.31 -1.00
C LEU C 147 14.14 15.08 -1.02
N CYS C 148 13.86 14.07 -1.87
CA CYS C 148 14.71 12.86 -1.90
C CYS C 148 16.06 13.08 -2.56
N GLY C 149 16.27 14.23 -3.18
CA GLY C 149 17.55 14.53 -3.81
C GLY C 149 17.76 13.96 -5.20
N SER C 150 16.73 13.34 -5.80
CA SER C 150 16.86 12.81 -7.16
C SER C 150 16.36 13.82 -8.20
N GLU C 151 17.22 14.18 -9.15
CA GLU C 151 16.85 15.10 -10.23
C GLU C 151 15.78 14.49 -11.15
N MET C 152 15.89 13.20 -11.44
CA MET C 152 14.93 12.46 -12.25
C MET C 152 13.54 12.47 -11.59
N ILE C 153 13.46 12.21 -10.27
CA ILE C 153 12.21 12.24 -9.53
C ILE C 153 11.64 13.64 -9.52
N ARG C 154 12.46 14.66 -9.17
CA ARG C 154 12.04 16.05 -9.15
C ARG C 154 11.42 16.47 -10.51
N ARG C 155 12.10 16.21 -11.63
CA ARG C 155 11.53 16.63 -12.90
C ARG C 155 10.27 15.83 -13.31
N GLU C 156 10.16 14.54 -12.91
CA GLU C 156 8.97 13.76 -13.22
C GLU C 156 7.77 14.20 -12.38
N VAL C 157 7.99 14.56 -11.12
CA VAL C 157 6.93 15.07 -10.24
C VAL C 157 6.47 16.41 -10.79
N GLU C 158 7.43 17.29 -11.15
CA GLU C 158 7.09 18.60 -11.72
C GLU C 158 6.33 18.45 -13.03
N ARG C 159 6.75 17.53 -13.89
CA ARG C 159 6.05 17.27 -15.16
C ARG C 159 4.60 16.79 -14.97
N ALA C 160 4.35 15.90 -14.00
CA ALA C 160 2.99 15.42 -13.67
C ALA C 160 2.11 16.57 -13.14
N SER C 161 2.74 17.65 -12.63
CA SER C 161 2.06 18.83 -12.10
C SER C 161 2.07 20.00 -13.13
N SER C 162 2.49 19.73 -14.38
CA SER C 162 2.67 20.80 -15.39
C SER C 162 1.41 21.20 -16.16
N LEU C 163 0.41 20.29 -16.33
CA LEU C 163 -0.84 20.68 -16.99
C LEU C 163 -1.57 21.75 -16.15
N PRO C 164 -2.24 22.74 -16.80
CA PRO C 164 -2.85 23.84 -16.03
C PRO C 164 -3.77 23.42 -14.87
N PHE C 165 -4.58 22.36 -15.05
CA PHE C 165 -5.49 21.84 -14.02
C PHE C 165 -4.81 20.78 -13.10
N ALA C 166 -3.56 20.34 -13.43
CA ALA C 166 -2.83 19.32 -12.68
C ALA C 166 -1.91 19.90 -11.62
N SER C 167 -1.71 21.21 -11.67
CA SER C 167 -0.86 21.97 -10.77
C SER C 167 -1.35 21.93 -9.30
N PRO C 168 -0.45 21.89 -8.28
CA PRO C 168 -0.92 21.87 -6.87
C PRO C 168 -1.79 23.06 -6.48
N SER C 169 -1.59 24.26 -7.05
CA SER C 169 -2.49 25.33 -6.61
C SER C 169 -3.52 25.74 -7.71
N ALA C 170 -3.69 24.90 -8.77
CA ALA C 170 -4.68 25.04 -9.87
C ALA C 170 -6.12 25.22 -9.37
N PHE C 171 -6.53 24.45 -8.34
CA PHE C 171 -7.89 24.50 -7.78
C PHE C 171 -8.03 25.48 -6.63
N LEU C 172 -7.06 26.39 -6.50
CA LEU C 172 -7.11 27.48 -5.51
C LEU C 172 -6.98 28.83 -6.26
N PRO C 173 -7.80 29.12 -7.32
CA PRO C 173 -7.69 30.45 -7.97
C PRO C 173 -8.24 31.52 -7.04
N ASP C 174 -7.87 32.80 -7.30
CA ASP C 174 -8.32 33.98 -6.55
C ASP C 174 -9.83 33.99 -6.26
N LYS C 175 -10.67 33.68 -7.27
CA LYS C 175 -12.14 33.69 -7.13
C LYS C 175 -12.72 32.55 -6.27
N ALA C 176 -11.95 31.44 -6.06
CA ALA C 176 -12.37 30.30 -5.24
C ALA C 176 -12.19 30.55 -3.74
N ASN C 177 -11.89 31.80 -3.35
CA ASN C 177 -11.74 32.20 -1.96
C ASN C 177 -13.14 32.33 -1.33
N ILE C 178 -13.77 31.18 -1.09
CA ILE C 178 -15.12 31.02 -0.54
C ILE C 178 -15.07 30.06 0.66
N GLY C 179 -16.10 30.10 1.50
CA GLY C 179 -16.23 29.29 2.70
C GLY C 179 -15.85 27.83 2.57
N ALA C 180 -16.48 27.12 1.62
CA ALA C 180 -16.29 25.69 1.37
C ALA C 180 -14.86 25.30 1.04
N PHE C 181 -14.17 26.09 0.19
CA PHE C 181 -12.78 25.85 -0.20
C PHE C 181 -11.82 26.15 0.94
N ARG C 182 -12.11 27.20 1.73
CA ARG C 182 -11.31 27.60 2.89
C ARG C 182 -11.37 26.53 3.98
N ARG C 183 -12.59 25.99 4.25
CA ARG C 183 -12.86 24.94 5.24
C ARG C 183 -12.04 23.67 4.96
N SER C 184 -11.89 23.33 3.66
CA SER C 184 -11.14 22.18 3.17
C SER C 184 -9.64 22.31 3.41
N LEU C 185 -9.11 23.55 3.46
CA LEU C 185 -7.66 23.81 3.61
C LEU C 185 -7.09 23.39 4.97
N ARG C 186 -7.93 23.31 6.00
CA ARG C 186 -7.50 22.91 7.35
C ARG C 186 -7.04 21.47 7.34
N GLY C 187 -7.85 20.59 6.74
CA GLY C 187 -7.54 19.17 6.59
C GLY C 187 -6.35 18.95 5.67
N ALA C 188 -6.27 19.75 4.57
CA ALA C 188 -5.16 19.71 3.61
C ALA C 188 -3.82 20.05 4.32
N GLN C 189 -3.82 21.05 5.22
CA GLN C 189 -2.64 21.44 5.99
C GLN C 189 -2.21 20.34 6.99
N GLU C 190 -3.18 19.65 7.61
CA GLU C 190 -2.90 18.50 8.50
C GLU C 190 -2.17 17.42 7.68
N GLN C 191 -2.55 17.24 6.40
CA GLN C 191 -1.90 16.27 5.52
C GLN C 191 -0.46 16.69 5.21
N HIS C 192 -0.20 18.01 4.99
CA HIS C 192 1.17 18.54 4.77
C HIS C 192 2.05 18.13 5.98
N LYS C 193 1.55 18.35 7.21
CA LYS C 193 2.25 18.03 8.46
C LYS C 193 2.56 16.53 8.55
N ALA C 194 1.56 15.67 8.25
CA ALA C 194 1.71 14.21 8.33
C ALA C 194 2.72 13.68 7.31
N ILE C 195 2.80 14.30 6.10
CA ILE C 195 3.75 13.93 5.05
C ILE C 195 5.17 14.12 5.59
N VAL C 196 5.45 15.32 6.12
CA VAL C 196 6.76 15.65 6.72
C VAL C 196 7.08 14.73 7.91
N ALA C 197 6.12 14.54 8.85
CA ALA C 197 6.32 13.64 10.02
C ALA C 197 6.65 12.21 9.56
N ALA C 198 5.94 11.70 8.54
CA ALA C 198 6.19 10.34 8.01
C ALA C 198 7.60 10.24 7.39
N ILE C 199 8.02 11.26 6.65
CA ILE C 199 9.36 11.30 6.02
C ILE C 199 10.47 11.28 7.10
N VAL C 200 10.31 12.13 8.15
CA VAL C 200 11.24 12.20 9.29
C VAL C 200 11.37 10.83 9.99
N ALA C 201 10.23 10.14 10.15
CA ALA C 201 10.14 8.84 10.81
C ALA C 201 10.54 7.66 9.92
N ARG C 202 10.92 7.90 8.64
CA ARG C 202 11.30 6.86 7.66
C ARG C 202 10.11 5.92 7.38
N GLU C 203 8.90 6.47 7.48
CA GLU C 203 7.67 5.72 7.28
C GLU C 203 7.19 5.94 5.84
N GLY C 204 7.86 5.26 4.89
CA GLY C 204 7.63 5.38 3.45
C GLY C 204 6.22 5.09 2.98
N ALA C 205 5.61 4.00 3.50
CA ALA C 205 4.25 3.61 3.12
C ALA C 205 3.27 4.71 3.55
N ARG C 206 3.42 5.23 4.78
CA ARG C 206 2.57 6.30 5.30
C ARG C 206 2.78 7.60 4.47
N ALA C 207 4.05 7.99 4.23
CA ALA C 207 4.38 9.19 3.44
C ALA C 207 3.70 9.15 2.07
N GLU C 208 3.80 7.99 1.37
CA GLU C 208 3.18 7.82 0.06
C GLU C 208 1.65 7.92 0.17
N ALA C 209 1.05 7.20 1.15
CA ALA C 209 -0.40 7.16 1.35
C ALA C 209 -1.01 8.54 1.60
N VAL C 210 -0.37 9.36 2.49
CA VAL C 210 -0.85 10.70 2.82
C VAL C 210 -0.66 11.66 1.62
N ALA C 211 0.52 11.64 0.97
CA ALA C 211 0.76 12.53 -0.18
C ALA C 211 -0.14 12.22 -1.37
N ARG C 212 -0.48 10.93 -1.57
CA ARG C 212 -1.42 10.52 -2.63
C ARG C 212 -2.84 10.96 -2.26
N GLU C 213 -3.26 10.77 -0.98
CA GLU C 213 -4.58 11.18 -0.48
C GLU C 213 -4.74 12.70 -0.57
N HIS C 214 -3.67 13.44 -0.31
CA HIS C 214 -3.67 14.89 -0.33
C HIS C 214 -4.16 15.43 -1.69
N SER C 215 -3.77 14.77 -2.80
CA SER C 215 -4.19 15.18 -4.16
C SER C 215 -5.70 14.98 -4.37
N ARG C 216 -6.37 14.15 -3.53
CA ARG C 216 -7.84 13.97 -3.63
C ARG C 216 -8.58 15.24 -3.19
N THR C 217 -7.87 16.20 -2.50
CA THR C 217 -8.43 17.50 -2.09
C THR C 217 -8.75 18.31 -3.35
N ALA C 218 -7.84 18.30 -4.37
CA ALA C 218 -8.07 19.01 -5.63
C ALA C 218 -9.24 18.36 -6.35
N ARG C 219 -9.32 17.00 -6.33
CA ARG C 219 -10.40 16.25 -6.98
C ARG C 219 -11.75 16.59 -6.36
N THR C 220 -11.82 16.59 -5.00
CA THR C 220 -13.00 16.93 -4.21
C THR C 220 -13.46 18.36 -4.50
N ASN C 221 -12.49 19.31 -4.65
CA ASN C 221 -12.71 20.73 -5.00
C ASN C 221 -13.28 20.85 -6.41
N LEU C 222 -12.69 20.14 -7.38
CA LEU C 222 -13.18 20.10 -8.76
C LEU C 222 -14.65 19.64 -8.76
N GLU C 223 -14.97 18.57 -8.02
CA GLU C 223 -16.32 18.04 -7.89
C GLU C 223 -17.29 19.06 -7.27
N TYR C 224 -16.80 19.92 -6.34
CA TYR C 224 -17.60 20.98 -5.73
C TYR C 224 -17.89 22.08 -6.77
N MET C 225 -16.90 22.43 -7.62
CA MET C 225 -17.04 23.42 -8.68
C MET C 225 -18.11 22.95 -9.69
N ILE C 226 -18.07 21.67 -10.09
CA ILE C 226 -19.04 21.10 -11.04
C ILE C 226 -20.47 21.10 -10.48
N ARG C 227 -20.64 20.58 -9.27
CA ARG C 227 -21.94 20.46 -8.63
C ARG C 227 -22.50 21.78 -8.07
N GLU C 228 -21.78 22.44 -7.15
CA GLU C 228 -22.24 23.60 -6.41
C GLU C 228 -21.85 24.98 -6.93
N ALA C 229 -20.68 25.12 -7.58
CA ALA C 229 -20.25 26.44 -8.07
C ALA C 229 -19.72 26.45 -9.53
N PRO C 230 -20.60 26.24 -10.55
CA PRO C 230 -20.11 26.19 -11.95
C PRO C 230 -19.42 27.45 -12.46
N GLU C 231 -19.70 28.62 -11.84
CA GLU C 231 -19.09 29.91 -12.17
C GLU C 231 -17.57 29.91 -11.95
N LEU C 232 -17.09 29.05 -11.01
CA LEU C 232 -15.68 28.89 -10.68
C LEU C 232 -14.86 28.13 -11.73
N ILE C 233 -15.51 27.24 -12.53
CA ILE C 233 -14.85 26.43 -13.57
C ILE C 233 -13.92 27.29 -14.48
N ALA C 234 -14.45 28.44 -14.97
CA ALA C 234 -13.74 29.40 -15.82
C ALA C 234 -12.49 30.04 -15.19
N GLN C 235 -12.36 30.04 -13.84
CA GLN C 235 -11.20 30.62 -13.15
C GLN C 235 -10.04 29.63 -13.00
N VAL C 236 -10.28 28.35 -13.30
CA VAL C 236 -9.20 27.36 -13.26
C VAL C 236 -8.49 27.34 -14.59
N PRO C 237 -7.13 27.50 -14.53
CA PRO C 237 -6.33 27.42 -15.76
C PRO C 237 -6.52 26.04 -16.37
N GLY C 238 -6.76 26.00 -17.67
CA GLY C 238 -7.02 24.76 -18.37
C GLY C 238 -8.47 24.34 -18.37
N LEU C 239 -9.24 24.63 -17.27
CA LEU C 239 -10.65 24.24 -17.20
C LEU C 239 -11.55 24.90 -18.27
N ALA C 240 -11.06 25.96 -18.94
CA ALA C 240 -11.80 26.61 -20.03
C ALA C 240 -11.77 25.75 -21.31
N LEU C 241 -10.77 24.84 -21.41
CA LEU C 241 -10.53 23.87 -22.49
C LEU C 241 -11.59 22.76 -22.52
N ILE C 242 -12.10 22.36 -21.32
CA ILE C 242 -13.02 21.23 -21.14
C ILE C 242 -14.26 21.36 -21.99
N GLY D 10 11.08 12.43 -40.95
CA GLY D 10 11.06 12.80 -39.53
C GLY D 10 11.49 11.65 -38.63
N GLY D 11 10.84 10.49 -38.82
CA GLY D 11 11.11 9.25 -38.10
C GLY D 11 12.53 8.71 -38.29
N ARG D 12 13.09 8.85 -39.51
CA ARG D 12 14.45 8.43 -39.84
C ARG D 12 15.48 9.34 -39.14
N ALA D 13 15.19 10.65 -39.09
CA ALA D 13 16.02 11.65 -38.42
C ALA D 13 16.05 11.35 -36.91
N VAL D 14 14.89 10.95 -36.34
CA VAL D 14 14.75 10.56 -34.93
C VAL D 14 15.67 9.37 -34.61
N ILE D 15 15.60 8.31 -35.43
CA ILE D 15 16.39 7.07 -35.28
C ILE D 15 17.90 7.36 -35.29
N GLU D 16 18.37 8.08 -36.32
CA GLU D 16 19.78 8.42 -36.50
C GLU D 16 20.31 9.28 -35.35
N LEU D 17 19.57 10.33 -34.96
CA LEU D 17 19.93 11.23 -33.88
C LEU D 17 20.02 10.50 -32.53
N ARG D 18 19.02 9.63 -32.24
CA ARG D 18 18.95 8.80 -31.03
C ARG D 18 20.21 7.92 -30.96
N GLU D 19 20.60 7.29 -32.09
CA GLU D 19 21.78 6.42 -32.19
C GLU D 19 23.07 7.18 -31.82
N LYS D 20 23.22 8.42 -32.33
CA LYS D 20 24.38 9.29 -32.08
C LYS D 20 24.48 9.78 -30.61
N ILE D 21 23.32 9.95 -29.95
CA ILE D 21 23.26 10.34 -28.53
C ILE D 21 23.64 9.11 -27.66
N LEU D 22 23.00 7.95 -27.92
CA LEU D 22 23.22 6.71 -27.16
C LEU D 22 24.64 6.13 -27.30
N SER D 23 25.31 6.37 -28.43
CA SER D 23 26.68 5.88 -28.65
C SER D 23 27.71 6.80 -27.98
N GLY D 24 27.28 7.99 -27.57
CA GLY D 24 28.15 8.99 -26.96
C GLY D 24 28.83 9.87 -27.99
N GLU D 25 28.51 9.68 -29.28
CA GLU D 25 29.05 10.45 -30.41
C GLU D 25 28.72 11.95 -30.20
N LEU D 26 27.49 12.22 -29.73
CA LEU D 26 27.02 13.56 -29.34
C LEU D 26 26.98 13.44 -27.82
N PRO D 27 28.06 13.84 -27.10
CA PRO D 27 28.10 13.60 -25.65
C PRO D 27 27.21 14.51 -24.82
N GLY D 28 26.95 14.08 -23.57
CA GLY D 28 26.16 14.84 -22.62
C GLY D 28 26.74 16.22 -22.46
N GLY D 29 25.88 17.23 -22.45
CA GLY D 29 26.30 18.62 -22.31
C GLY D 29 26.53 19.33 -23.63
N MET D 30 26.59 18.58 -24.76
CA MET D 30 26.76 19.17 -26.10
C MET D 30 25.49 19.91 -26.52
N ARG D 31 25.65 21.19 -26.95
CA ARG D 31 24.57 22.04 -27.45
C ARG D 31 24.32 21.73 -28.91
N LEU D 32 23.07 21.45 -29.24
CA LEU D 32 22.65 21.13 -30.59
C LEU D 32 21.73 22.21 -31.11
N PHE D 33 21.80 22.45 -32.41
CA PHE D 33 20.98 23.39 -33.14
C PHE D 33 20.47 22.67 -34.37
N GLU D 34 19.34 23.11 -34.94
CA GLU D 34 18.79 22.45 -36.12
C GLU D 34 19.73 22.50 -37.38
N VAL D 35 20.49 23.63 -37.57
CA VAL D 35 21.42 23.81 -38.69
C VAL D 35 22.62 22.84 -38.56
N SER D 36 23.29 22.84 -37.40
CA SER D 36 24.44 21.96 -37.16
C SER D 36 24.08 20.47 -37.12
N THR D 37 22.85 20.12 -36.64
CA THR D 37 22.37 18.72 -36.58
C THR D 37 22.01 18.24 -37.99
N ALA D 38 21.37 19.14 -38.79
CA ALA D 38 21.01 18.86 -40.19
C ALA D 38 22.25 18.56 -41.00
N GLU D 39 23.32 19.35 -40.77
CA GLU D 39 24.62 19.21 -41.44
C GLU D 39 25.27 17.87 -41.08
N LEU D 40 25.35 17.57 -39.77
CA LEU D 40 25.93 16.36 -39.21
C LEU D 40 25.24 15.07 -39.69
N LEU D 41 23.90 15.06 -39.72
CA LEU D 41 23.11 13.92 -40.16
C LEU D 41 22.96 13.86 -41.70
N ASP D 42 23.22 15.00 -42.41
CA ASP D 42 23.05 15.19 -43.85
C ASP D 42 21.57 14.92 -44.24
N ILE D 43 20.66 15.64 -43.54
CA ILE D 43 19.20 15.58 -43.66
C ILE D 43 18.66 17.03 -43.69
N SER D 44 17.46 17.26 -44.27
CA SER D 44 16.82 18.58 -44.32
C SER D 44 16.48 19.10 -42.90
N ARG D 45 16.35 20.43 -42.73
CA ARG D 45 16.05 21.03 -41.42
C ARG D 45 14.65 20.71 -40.87
N THR D 46 13.63 20.52 -41.75
CA THR D 46 12.25 20.19 -41.33
C THR D 46 12.25 18.87 -40.51
N PRO D 47 12.75 17.70 -41.04
CA PRO D 47 12.81 16.49 -40.19
C PRO D 47 13.71 16.63 -38.97
N VAL D 48 14.81 17.40 -39.06
CA VAL D 48 15.73 17.62 -37.92
C VAL D 48 15.02 18.36 -36.76
N ARG D 49 14.26 19.40 -37.07
CA ARG D 49 13.48 20.22 -36.14
C ARG D 49 12.51 19.32 -35.36
N GLU D 50 11.81 18.37 -36.06
CA GLU D 50 10.89 17.39 -35.48
C GLU D 50 11.67 16.40 -34.61
N ALA D 51 12.84 15.90 -35.10
CA ALA D 51 13.69 14.96 -34.35
C ALA D 51 14.18 15.56 -33.03
N LEU D 52 14.63 16.83 -33.05
CA LEU D 52 15.11 17.50 -31.84
C LEU D 52 14.01 17.66 -30.79
N SER D 53 12.79 18.06 -31.23
CA SER D 53 11.63 18.21 -30.36
C SER D 53 11.13 16.86 -29.82
N ARG D 54 11.06 15.82 -30.67
CA ARG D 54 10.65 14.46 -30.26
C ARG D 54 11.62 13.88 -29.23
N LEU D 55 12.95 14.12 -29.40
CA LEU D 55 13.96 13.58 -28.47
C LEU D 55 14.01 14.37 -27.16
N THR D 56 13.41 15.58 -27.11
CA THR D 56 13.24 16.37 -25.90
C THR D 56 12.08 15.71 -25.11
N GLU D 57 10.97 15.38 -25.81
CA GLU D 57 9.80 14.70 -25.25
C GLU D 57 10.19 13.33 -24.69
N GLU D 58 11.11 12.62 -25.38
CA GLU D 58 11.59 11.30 -24.97
C GLU D 58 12.57 11.38 -23.81
N GLY D 59 13.08 12.56 -23.51
CA GLY D 59 14.00 12.78 -22.39
C GLY D 59 15.47 12.64 -22.70
N LEU D 60 15.86 12.56 -23.97
CA LEU D 60 17.30 12.46 -24.34
C LEU D 60 17.95 13.83 -24.51
N LEU D 61 17.13 14.86 -24.73
CA LEU D 61 17.60 16.23 -24.87
C LEU D 61 16.79 17.14 -23.96
N ASN D 62 17.35 18.29 -23.61
CA ASN D 62 16.64 19.36 -22.91
C ASN D 62 16.69 20.59 -23.82
N ARG D 63 15.65 21.43 -23.79
CA ARG D 63 15.61 22.67 -24.53
C ARG D 63 16.36 23.69 -23.75
N LEU D 64 17.12 24.57 -24.43
CA LEU D 64 17.83 25.63 -23.74
C LEU D 64 17.01 26.89 -23.83
N PRO D 65 16.96 27.73 -22.77
CA PRO D 65 16.16 28.97 -22.86
C PRO D 65 16.59 29.93 -23.97
N GLY D 66 17.89 30.04 -24.24
CA GLY D 66 18.44 30.94 -25.27
C GLY D 66 18.46 30.37 -26.67
N GLY D 67 17.76 29.24 -26.87
CA GLY D 67 17.68 28.59 -28.17
C GLY D 67 18.52 27.34 -28.22
N GLY D 68 18.11 26.42 -29.08
CA GLY D 68 18.80 25.15 -29.22
C GLY D 68 18.41 24.14 -28.15
N PHE D 69 19.18 23.07 -28.14
CA PHE D 69 19.01 21.92 -27.26
C PHE D 69 20.34 21.53 -26.65
N VAL D 70 20.29 20.68 -25.62
CA VAL D 70 21.47 20.14 -24.94
C VAL D 70 21.29 18.64 -24.72
N VAL D 71 22.35 17.85 -24.99
CA VAL D 71 22.29 16.40 -24.79
C VAL D 71 22.29 16.16 -23.26
N ARG D 72 21.24 15.51 -22.78
CA ARG D 72 21.09 15.20 -21.35
C ARG D 72 22.16 14.17 -20.88
N ARG D 73 22.73 14.35 -19.67
CA ARG D 73 23.69 13.42 -19.05
C ARG D 73 22.98 12.49 -18.00
N PHE D 74 23.34 11.19 -17.96
CA PHE D 74 22.73 10.17 -17.08
C PHE D 74 23.76 9.38 -16.28
N GLY D 75 23.43 9.16 -15.02
CA GLY D 75 24.20 8.33 -14.10
C GLY D 75 23.40 7.08 -13.79
N PHE D 76 23.99 6.18 -13.02
CA PHE D 76 23.38 4.94 -12.56
C PHE D 76 22.08 5.24 -11.79
N ALA D 77 22.08 6.32 -10.96
CA ALA D 77 20.94 6.74 -10.15
C ALA D 77 19.75 7.08 -11.04
N ASP D 78 19.99 7.68 -12.21
CA ASP D 78 18.96 8.02 -13.21
C ASP D 78 18.33 6.75 -13.80
N VAL D 79 19.13 5.71 -14.04
CA VAL D 79 18.65 4.41 -14.56
C VAL D 79 17.68 3.76 -13.54
N VAL D 80 18.13 3.69 -12.29
CA VAL D 80 17.35 3.11 -11.17
C VAL D 80 16.06 3.90 -10.95
N ASP D 81 16.14 5.25 -10.96
CA ASP D 81 14.95 6.10 -10.78
C ASP D 81 13.97 5.94 -11.94
N ALA D 82 14.47 5.81 -13.18
CA ALA D 82 13.61 5.65 -14.35
C ALA D 82 12.83 4.33 -14.28
N ILE D 83 13.50 3.24 -13.86
CA ILE D 83 12.85 1.93 -13.70
C ILE D 83 11.79 2.03 -12.58
N GLU D 84 12.13 2.72 -11.48
CA GLU D 84 11.23 2.95 -10.34
C GLU D 84 9.97 3.70 -10.79
N VAL D 85 10.12 4.76 -11.59
CA VAL D 85 8.99 5.54 -12.12
C VAL D 85 8.13 4.69 -13.07
N ARG D 86 8.75 3.86 -13.94
CA ARG D 86 7.98 2.96 -14.83
C ARG D 86 7.11 2.01 -13.97
N GLY D 87 7.72 1.36 -12.98
CA GLY D 87 6.98 0.47 -12.09
C GLY D 87 5.84 1.16 -11.36
N VAL D 88 6.08 2.39 -10.87
CA VAL D 88 5.05 3.14 -10.16
C VAL D 88 3.88 3.40 -11.13
N MET D 89 4.17 3.82 -12.38
CA MET D 89 3.17 4.07 -13.41
C MET D 89 2.43 2.82 -13.86
N GLU D 90 3.15 1.68 -14.05
CA GLU D 90 2.55 0.40 -14.41
C GLU D 90 1.65 -0.10 -13.25
N GLY D 91 2.08 0.14 -12.01
CA GLY D 91 1.29 -0.16 -10.80
C GLY D 91 -0.01 0.65 -10.79
N THR D 92 0.06 1.90 -11.24
CA THR D 92 -1.10 2.81 -11.36
C THR D 92 -2.07 2.28 -12.41
N ALA D 93 -1.57 1.89 -13.62
CA ALA D 93 -2.39 1.32 -14.70
C ALA D 93 -3.11 0.05 -14.20
N ALA D 94 -2.40 -0.83 -13.47
CA ALA D 94 -2.95 -2.07 -12.92
C ALA D 94 -4.03 -1.75 -11.88
N ARG D 95 -3.77 -0.83 -10.94
CA ARG D 95 -4.74 -0.48 -9.89
C ARG D 95 -6.02 0.12 -10.49
N LEU D 96 -5.85 1.04 -11.46
CA LEU D 96 -7.01 1.68 -12.09
C LEU D 96 -7.86 0.69 -12.91
N ALA D 97 -7.24 -0.30 -13.55
CA ALA D 97 -7.99 -1.35 -14.28
C ALA D 97 -8.76 -2.23 -13.25
N ALA D 98 -8.15 -2.49 -12.07
CA ALA D 98 -8.80 -3.26 -11.01
C ALA D 98 -9.97 -2.48 -10.38
N GLU D 99 -9.80 -1.17 -10.10
CA GLU D 99 -10.85 -0.34 -9.50
C GLU D 99 -12.01 -0.03 -10.47
N ARG D 100 -11.70 0.39 -11.72
CA ARG D 100 -12.69 0.81 -12.70
C ARG D 100 -13.35 -0.32 -13.48
N GLY D 101 -12.64 -1.43 -13.63
CA GLY D 101 -13.12 -2.57 -14.41
C GLY D 101 -12.51 -2.54 -15.80
N VAL D 102 -12.53 -3.67 -16.48
CA VAL D 102 -11.94 -3.86 -17.81
C VAL D 102 -12.99 -4.49 -18.73
N SER D 103 -13.00 -4.11 -20.02
CA SER D 103 -13.91 -4.68 -21.03
C SER D 103 -13.58 -6.16 -21.24
N LYS D 104 -14.59 -6.93 -21.71
CA LYS D 104 -14.46 -8.36 -21.99
C LYS D 104 -13.33 -8.62 -23.00
N VAL D 105 -13.28 -7.80 -24.06
CA VAL D 105 -12.31 -7.87 -25.15
C VAL D 105 -10.87 -7.64 -24.66
N ALA D 106 -10.61 -6.52 -23.92
CA ALA D 106 -9.28 -6.18 -23.41
C ALA D 106 -8.74 -7.26 -22.49
N LEU D 107 -9.64 -7.84 -21.65
CA LEU D 107 -9.31 -8.90 -20.73
C LEU D 107 -8.94 -10.20 -21.46
N GLU D 108 -9.70 -10.54 -22.50
CA GLU D 108 -9.46 -11.72 -23.36
C GLU D 108 -8.08 -11.61 -24.05
N GLU D 109 -7.76 -10.42 -24.57
CA GLU D 109 -6.49 -10.13 -25.23
C GLU D 109 -5.28 -10.30 -24.30
N ILE D 110 -5.31 -9.71 -23.08
CA ILE D 110 -4.15 -9.80 -22.18
C ILE D 110 -4.00 -11.24 -21.66
N ASP D 111 -5.15 -11.89 -21.39
CA ASP D 111 -5.12 -13.26 -20.93
C ASP D 111 -4.50 -14.16 -22.00
N ALA D 112 -4.76 -13.90 -23.31
CA ALA D 112 -4.16 -14.63 -24.43
C ALA D 112 -2.64 -14.49 -24.43
N THR D 113 -2.13 -13.27 -24.13
CA THR D 113 -0.71 -12.96 -24.04
C THR D 113 -0.08 -13.76 -22.89
N VAL D 114 -0.75 -13.79 -21.73
CA VAL D 114 -0.30 -14.54 -20.54
C VAL D 114 -0.21 -16.05 -20.86
N GLN D 115 -1.23 -16.59 -21.56
CA GLN D 115 -1.25 -18.01 -21.96
C GLN D 115 -0.11 -18.31 -22.91
N GLN D 116 0.17 -17.41 -23.87
CA GLN D 116 1.29 -17.57 -24.81
C GLN D 116 2.65 -17.49 -24.11
N LEU D 117 2.78 -16.59 -23.09
CA LEU D 117 3.99 -16.44 -22.30
C LEU D 117 4.32 -17.72 -21.50
N ASP D 118 3.29 -18.46 -21.03
CA ASP D 118 3.47 -19.74 -20.33
C ASP D 118 4.12 -20.80 -21.23
N LEU D 119 3.86 -20.75 -22.55
CA LEU D 119 4.41 -21.70 -23.55
C LEU D 119 5.93 -21.56 -23.72
N CYS D 120 6.51 -20.48 -23.18
CA CYS D 120 7.95 -20.21 -23.23
C CYS D 120 8.73 -21.00 -22.21
N PHE D 121 8.05 -21.69 -21.27
CA PHE D 121 8.70 -22.41 -20.17
C PHE D 121 8.59 -23.94 -20.26
N GLY D 122 9.74 -24.58 -20.14
CA GLY D 122 9.90 -26.04 -20.17
C GLY D 122 9.98 -26.67 -18.80
N ASP D 123 10.33 -27.98 -18.76
CA ASP D 123 10.44 -28.78 -17.53
C ASP D 123 11.63 -28.41 -16.63
N ARG D 124 12.79 -28.08 -17.25
CA ARG D 124 14.02 -27.66 -16.57
C ARG D 124 13.91 -26.15 -16.23
N VAL D 125 14.60 -25.71 -15.16
CA VAL D 125 14.63 -24.31 -14.69
C VAL D 125 15.27 -23.39 -15.77
N ASP D 126 16.20 -23.96 -16.58
CA ASP D 126 16.94 -23.32 -17.67
C ASP D 126 16.15 -23.26 -19.00
N ASP D 127 15.29 -24.27 -19.29
CA ASP D 127 14.48 -24.38 -20.51
C ASP D 127 13.46 -23.23 -20.63
N VAL D 128 13.90 -22.12 -21.25
CA VAL D 128 13.10 -20.89 -21.45
C VAL D 128 13.31 -20.29 -22.86
N ASP D 129 12.21 -20.08 -23.63
CA ASP D 129 12.29 -19.39 -24.91
C ASP D 129 12.40 -17.87 -24.58
N PHE D 130 13.64 -17.41 -24.42
CA PHE D 130 14.01 -16.04 -24.07
C PHE D 130 13.49 -15.03 -25.07
N ASP D 131 13.71 -15.28 -26.39
CA ASP D 131 13.30 -14.35 -27.45
C ASP D 131 11.78 -14.23 -27.57
N GLY D 132 11.07 -15.35 -27.44
CA GLY D 132 9.62 -15.39 -27.47
C GLY D 132 9.06 -14.63 -26.29
N TYR D 133 9.68 -14.84 -25.11
CA TYR D 133 9.31 -14.15 -23.88
C TYR D 133 9.48 -12.62 -24.03
N ALA D 134 10.65 -12.16 -24.52
CA ALA D 134 10.95 -10.73 -24.70
C ALA D 134 9.92 -10.02 -25.59
N ALA D 135 9.52 -10.64 -26.71
CA ALA D 135 8.53 -10.11 -27.67
C ALA D 135 7.12 -10.03 -27.05
N LEU D 136 6.68 -11.13 -26.41
CA LEU D 136 5.38 -11.21 -25.77
C LEU D 136 5.30 -10.31 -24.55
N ASN D 137 6.43 -10.11 -23.86
CA ASN D 137 6.54 -9.25 -22.68
C ASN D 137 6.22 -7.80 -23.08
N ARG D 138 6.74 -7.32 -24.25
CA ARG D 138 6.46 -5.97 -24.76
C ARG D 138 4.96 -5.78 -24.96
N ILE D 139 4.29 -6.77 -25.60
CA ILE D 139 2.85 -6.78 -25.85
C ILE D 139 2.09 -6.71 -24.52
N PHE D 140 2.44 -7.60 -23.55
CA PHE D 140 1.79 -7.65 -22.26
C PHE D 140 1.84 -6.26 -21.60
N HIS D 141 3.01 -5.62 -21.56
CA HIS D 141 3.13 -4.31 -20.93
C HIS D 141 2.36 -3.21 -21.66
N HIS D 142 2.27 -3.29 -23.02
CA HIS D 142 1.46 -2.33 -23.78
C HIS D 142 -0.03 -2.52 -23.46
N GLN D 143 -0.47 -3.79 -23.37
CA GLN D 143 -1.85 -4.12 -23.03
C GLN D 143 -2.23 -3.67 -21.62
N LEU D 144 -1.30 -3.84 -20.65
CA LEU D 144 -1.51 -3.41 -19.26
C LEU D 144 -1.71 -1.89 -19.17
N ALA D 145 -0.88 -1.10 -19.92
CA ALA D 145 -0.96 0.37 -19.93
C ALA D 145 -2.33 0.89 -20.39
N ALA D 146 -2.96 0.16 -21.35
CA ALA D 146 -4.25 0.50 -21.97
C ALA D 146 -5.46 -0.12 -21.29
N LEU D 147 -5.25 -1.09 -20.38
CA LEU D 147 -6.28 -1.89 -19.75
C LEU D 147 -7.41 -1.12 -19.07
N CYS D 148 -7.12 -0.06 -18.29
CA CYS D 148 -8.19 0.69 -17.60
C CYS D 148 -9.06 1.54 -18.54
N GLY D 149 -8.65 1.70 -19.78
CA GLY D 149 -9.43 2.45 -20.75
C GLY D 149 -9.24 3.95 -20.72
N SER D 150 -8.27 4.47 -19.91
CA SER D 150 -8.02 5.90 -19.89
C SER D 150 -6.87 6.24 -20.84
N GLU D 151 -7.14 7.16 -21.80
CA GLU D 151 -6.12 7.58 -22.74
C GLU D 151 -4.98 8.34 -22.03
N MET D 152 -5.34 9.20 -21.06
CA MET D 152 -4.39 9.95 -20.24
C MET D 152 -3.44 9.00 -19.49
N ILE D 153 -3.98 7.93 -18.85
CA ILE D 153 -3.16 6.94 -18.16
C ILE D 153 -2.28 6.18 -19.14
N ARG D 154 -2.85 5.69 -20.25
CA ARG D 154 -2.09 4.95 -21.28
C ARG D 154 -0.90 5.78 -21.75
N ARG D 155 -1.16 7.04 -22.08
CA ARG D 155 -0.17 8.00 -22.55
C ARG D 155 0.94 8.21 -21.50
N GLU D 156 0.57 8.45 -20.24
CA GLU D 156 1.55 8.71 -19.18
C GLU D 156 2.37 7.46 -18.81
N VAL D 157 1.77 6.27 -18.85
CA VAL D 157 2.48 5.01 -18.59
C VAL D 157 3.50 4.78 -19.72
N GLU D 158 3.07 4.95 -20.98
CA GLU D 158 3.95 4.79 -22.15
C GLU D 158 5.09 5.82 -22.14
N ARG D 159 4.80 7.07 -21.73
CA ARG D 159 5.86 8.08 -21.63
C ARG D 159 6.93 7.65 -20.60
N ALA D 160 6.49 7.19 -19.41
CA ALA D 160 7.37 6.73 -18.34
C ALA D 160 8.27 5.57 -18.80
N SER D 161 7.80 4.78 -19.77
CA SER D 161 8.54 3.66 -20.32
C SER D 161 9.41 4.08 -21.54
N SER D 162 9.38 5.38 -21.96
CA SER D 162 10.08 5.89 -23.15
C SER D 162 11.62 5.97 -23.07
N LEU D 163 12.28 6.04 -21.88
CA LEU D 163 13.75 6.05 -21.88
C LEU D 163 14.30 4.69 -22.38
N PRO D 164 15.47 4.65 -23.11
CA PRO D 164 16.02 3.36 -23.58
C PRO D 164 16.20 2.32 -22.49
N PHE D 165 16.55 2.74 -21.25
CA PHE D 165 16.74 1.87 -20.09
C PHE D 165 15.49 1.74 -19.16
N ALA D 166 14.40 2.49 -19.43
CA ALA D 166 13.15 2.44 -18.65
C ALA D 166 12.13 1.49 -19.29
N SER D 167 12.37 1.09 -20.53
CA SER D 167 11.51 0.21 -21.30
C SER D 167 11.34 -1.19 -20.65
N PRO D 168 10.14 -1.82 -20.75
CA PRO D 168 9.96 -3.17 -20.17
C PRO D 168 10.92 -4.21 -20.75
N SER D 169 11.39 -4.01 -22.01
CA SER D 169 12.29 -4.91 -22.73
C SER D 169 13.77 -4.53 -22.71
N ALA D 170 14.07 -3.36 -22.17
CA ALA D 170 15.42 -2.80 -22.11
C ALA D 170 16.47 -3.76 -21.53
N PHE D 171 16.13 -4.42 -20.40
CA PHE D 171 17.05 -5.31 -19.72
C PHE D 171 16.88 -6.77 -20.12
N LEU D 172 16.27 -7.00 -21.29
CA LEU D 172 16.19 -8.33 -21.91
C LEU D 172 16.80 -8.27 -23.31
N PRO D 173 18.06 -7.76 -23.48
CA PRO D 173 18.66 -7.78 -24.84
C PRO D 173 18.99 -9.23 -25.22
N ASP D 174 18.98 -9.53 -26.53
CA ASP D 174 19.21 -10.85 -27.12
C ASP D 174 20.39 -11.64 -26.50
N LYS D 175 21.51 -10.94 -26.17
CA LYS D 175 22.72 -11.58 -25.63
C LYS D 175 22.58 -11.96 -24.14
N ALA D 176 21.59 -11.38 -23.43
CA ALA D 176 21.31 -11.69 -22.01
C ALA D 176 20.61 -13.07 -21.88
N ASN D 177 20.43 -13.80 -23.00
CA ASN D 177 19.84 -15.13 -23.05
C ASN D 177 20.85 -16.13 -22.46
N ILE D 178 20.99 -16.08 -21.14
CA ILE D 178 21.91 -16.89 -20.34
C ILE D 178 21.12 -17.50 -19.17
N GLY D 179 21.68 -18.56 -18.55
CA GLY D 179 21.06 -19.28 -17.44
C GLY D 179 20.37 -18.44 -16.39
N ALA D 180 21.12 -17.51 -15.77
CA ALA D 180 20.64 -16.62 -14.69
C ALA D 180 19.43 -15.79 -15.10
N PHE D 181 19.40 -15.30 -16.36
CA PHE D 181 18.27 -14.50 -16.85
C PHE D 181 17.05 -15.38 -17.13
N ARG D 182 17.24 -16.56 -17.76
CA ARG D 182 16.15 -17.50 -18.05
C ARG D 182 15.48 -17.99 -16.74
N ARG D 183 16.29 -18.18 -15.67
CA ARG D 183 15.77 -18.60 -14.37
C ARG D 183 14.85 -17.52 -13.76
N SER D 184 15.24 -16.24 -13.90
CA SER D 184 14.49 -15.07 -13.39
C SER D 184 13.13 -14.86 -14.07
N LEU D 185 13.00 -15.29 -15.34
CA LEU D 185 11.78 -15.13 -16.13
C LEU D 185 10.60 -15.94 -15.63
N ARG D 186 10.85 -17.05 -14.90
CA ARG D 186 9.81 -17.90 -14.32
C ARG D 186 9.00 -17.11 -13.29
N GLY D 187 9.69 -16.46 -12.36
CA GLY D 187 9.08 -15.60 -11.34
C GLY D 187 8.41 -14.38 -11.96
N ALA D 188 9.02 -13.80 -13.05
CA ALA D 188 8.47 -12.62 -13.75
C ALA D 188 7.11 -12.97 -14.40
N GLN D 189 7.01 -14.16 -14.99
CA GLN D 189 5.76 -14.68 -15.57
C GLN D 189 4.68 -14.92 -14.52
N GLU D 190 5.08 -15.40 -13.32
CA GLU D 190 4.12 -15.60 -12.20
C GLU D 190 3.55 -14.22 -11.80
N GLN D 191 4.38 -13.17 -11.87
CA GLN D 191 3.94 -11.80 -11.58
C GLN D 191 2.96 -11.30 -12.63
N HIS D 192 3.19 -11.60 -13.94
CA HIS D 192 2.25 -11.25 -15.02
C HIS D 192 0.87 -11.86 -14.73
N LYS D 193 0.84 -13.15 -14.36
CA LYS D 193 -0.38 -13.89 -14.02
C LYS D 193 -1.12 -13.26 -12.86
N ALA D 194 -0.37 -12.93 -11.77
CA ALA D 194 -0.94 -12.33 -10.54
C ALA D 194 -1.52 -10.95 -10.81
N ILE D 195 -0.91 -10.17 -11.71
CA ILE D 195 -1.37 -8.82 -12.09
C ILE D 195 -2.77 -8.95 -12.70
N VAL D 196 -2.90 -9.81 -13.72
CA VAL D 196 -4.18 -10.08 -14.40
C VAL D 196 -5.23 -10.65 -13.39
N ALA D 197 -4.86 -11.67 -12.59
CA ALA D 197 -5.76 -12.24 -11.57
C ALA D 197 -6.26 -11.17 -10.59
N ALA D 198 -5.35 -10.27 -10.12
CA ALA D 198 -5.72 -9.19 -9.18
C ALA D 198 -6.70 -8.20 -9.84
N ILE D 199 -6.46 -7.85 -11.11
CA ILE D 199 -7.33 -6.95 -11.86
C ILE D 199 -8.74 -7.55 -12.00
N VAL D 200 -8.83 -8.82 -12.43
CA VAL D 200 -10.09 -9.57 -12.58
C VAL D 200 -10.87 -9.59 -11.24
N ALA D 201 -10.14 -9.81 -10.12
CA ALA D 201 -10.71 -9.89 -8.78
C ALA D 201 -11.03 -8.53 -8.14
N ARG D 202 -10.76 -7.39 -8.84
CA ARG D 202 -10.98 -6.01 -8.38
C ARG D 202 -10.10 -5.73 -7.15
N GLU D 203 -8.94 -6.39 -7.07
CA GLU D 203 -8.01 -6.24 -5.97
C GLU D 203 -6.92 -5.21 -6.41
N GLY D 204 -7.29 -3.93 -6.37
CA GLY D 204 -6.43 -2.81 -6.78
C GLY D 204 -5.14 -2.66 -6.02
N ALA D 205 -5.16 -2.84 -4.70
CA ALA D 205 -3.93 -2.72 -3.90
C ALA D 205 -2.94 -3.83 -4.30
N ARG D 206 -3.44 -5.05 -4.50
CA ARG D 206 -2.60 -6.17 -4.93
C ARG D 206 -2.07 -5.93 -6.33
N ALA D 207 -2.95 -5.53 -7.30
CA ALA D 207 -2.56 -5.26 -8.68
C ALA D 207 -1.42 -4.24 -8.74
N GLU D 208 -1.53 -3.14 -8.00
CA GLU D 208 -0.50 -2.10 -7.93
C GLU D 208 0.81 -2.68 -7.35
N ALA D 209 0.71 -3.35 -6.18
CA ALA D 209 1.86 -3.95 -5.49
C ALA D 209 2.67 -4.91 -6.37
N VAL D 210 1.98 -5.81 -7.09
CA VAL D 210 2.63 -6.81 -7.97
C VAL D 210 3.25 -6.13 -9.20
N ALA D 211 2.50 -5.20 -9.86
CA ALA D 211 3.04 -4.50 -11.03
C ALA D 211 4.26 -3.66 -10.67
N ARG D 212 4.24 -3.01 -9.51
CA ARG D 212 5.39 -2.21 -9.06
C ARG D 212 6.59 -3.13 -8.75
N GLU D 213 6.34 -4.27 -8.06
CA GLU D 213 7.39 -5.24 -7.72
C GLU D 213 7.99 -5.87 -8.98
N HIS D 214 7.16 -6.12 -10.00
CA HIS D 214 7.56 -6.69 -11.26
C HIS D 214 8.72 -5.89 -11.89
N SER D 215 8.69 -4.54 -11.81
CA SER D 215 9.72 -3.63 -12.36
C SER D 215 11.07 -3.77 -11.63
N ARG D 216 11.07 -4.32 -10.40
CA ARG D 216 12.32 -4.62 -9.69
C ARG D 216 13.13 -5.72 -10.39
N THR D 217 12.49 -6.52 -11.28
CA THR D 217 13.16 -7.57 -12.06
C THR D 217 14.21 -6.91 -12.96
N ALA D 218 13.87 -5.78 -13.62
CA ALA D 218 14.80 -5.03 -14.49
C ALA D 218 15.94 -4.47 -13.64
N ARG D 219 15.63 -3.99 -12.41
CA ARG D 219 16.66 -3.45 -11.50
C ARG D 219 17.66 -4.56 -11.08
N THR D 220 17.14 -5.76 -10.80
CA THR D 220 17.96 -6.95 -10.46
C THR D 220 18.80 -7.36 -11.68
N ASN D 221 18.23 -7.32 -12.89
CA ASN D 221 18.95 -7.62 -14.14
C ASN D 221 20.11 -6.65 -14.33
N LEU D 222 19.88 -5.35 -14.06
CA LEU D 222 20.89 -4.30 -14.14
C LEU D 222 22.02 -4.59 -13.15
N GLU D 223 21.68 -4.90 -11.89
CA GLU D 223 22.65 -5.20 -10.85
C GLU D 223 23.48 -6.46 -11.18
N TYR D 224 22.85 -7.45 -11.87
CA TYR D 224 23.52 -8.69 -12.30
C TYR D 224 24.52 -8.36 -13.42
N MET D 225 24.14 -7.47 -14.35
CA MET D 225 25.00 -7.04 -15.46
C MET D 225 26.25 -6.33 -14.91
N ILE D 226 26.08 -5.46 -13.92
CA ILE D 226 27.19 -4.72 -13.32
C ILE D 226 28.19 -5.66 -12.59
N ARG D 227 27.68 -6.53 -11.71
CA ARG D 227 28.46 -7.41 -10.84
C ARG D 227 28.95 -8.71 -11.48
N GLU D 228 28.11 -9.41 -12.25
CA GLU D 228 28.45 -10.71 -12.82
C GLU D 228 28.68 -10.76 -14.33
N ALA D 229 28.01 -9.91 -15.12
CA ALA D 229 28.17 -9.95 -16.58
C ALA D 229 28.40 -8.56 -17.23
N PRO D 230 29.58 -7.90 -17.01
CA PRO D 230 29.81 -6.55 -17.57
C PRO D 230 29.75 -6.46 -19.09
N GLU D 231 29.96 -7.59 -19.80
CA GLU D 231 29.88 -7.67 -21.27
C GLU D 231 28.47 -7.33 -21.79
N LEU D 232 27.43 -7.56 -20.95
CA LEU D 232 26.03 -7.27 -21.27
C LEU D 232 25.68 -5.78 -21.22
N ILE D 233 26.42 -4.96 -20.44
CA ILE D 233 26.17 -3.51 -20.29
C ILE D 233 26.01 -2.81 -21.67
N ALA D 234 26.95 -3.07 -22.59
CA ALA D 234 26.97 -2.53 -23.96
C ALA D 234 25.75 -2.96 -24.82
N GLN D 235 25.00 -3.98 -24.38
CA GLN D 235 23.82 -4.48 -25.10
C GLN D 235 22.56 -3.67 -24.77
N VAL D 236 22.57 -2.94 -23.65
CA VAL D 236 21.43 -2.11 -23.24
C VAL D 236 21.68 -0.65 -23.80
N PRO D 237 20.78 -0.10 -24.64
CA PRO D 237 21.03 1.23 -25.24
C PRO D 237 21.29 2.37 -24.23
N GLY D 238 22.45 3.01 -24.41
CA GLY D 238 22.92 4.14 -23.60
C GLY D 238 23.60 3.81 -22.27
N LEU D 239 23.63 2.51 -21.89
CA LEU D 239 24.18 2.05 -20.61
C LEU D 239 25.71 2.15 -20.51
N ALA D 240 26.43 1.88 -21.62
CA ALA D 240 27.90 1.91 -21.71
C ALA D 240 28.54 3.28 -21.40
N LEU D 241 27.81 4.38 -21.71
CA LEU D 241 28.19 5.77 -21.46
C LEU D 241 28.26 6.13 -19.97
N ILE D 242 27.39 5.50 -19.16
CA ILE D 242 27.30 5.75 -17.71
C ILE D 242 28.61 5.29 -17.01
N SER D 243 29.26 6.24 -16.30
CA SER D 243 30.57 6.08 -15.64
C SER D 243 30.55 5.68 -14.16
N ASP D 244 29.39 5.76 -13.47
CA ASP D 244 29.26 5.42 -12.05
C ASP D 244 28.50 4.10 -11.81
ZN ZN E . 7.54 -18.59 3.13
C1 CIT F . 6.10 -20.44 1.83
O1 CIT F . 5.81 -19.84 2.84
O2 CIT F . 7.23 -20.29 1.20
C2 CIT F . 5.19 -21.47 1.22
C3 CIT F . 3.70 -21.21 1.49
O7 CIT F . 3.38 -19.94 0.93
C4 CIT F . 2.81 -22.30 0.87
C5 CIT F . 2.57 -22.34 -0.61
O3 CIT F . 1.60 -22.84 -1.12
O4 CIT F . 3.53 -21.81 -1.32
C6 CIT F . 3.43 -21.18 2.99
O5 CIT F . 3.75 -22.27 3.59
O6 CIT F . 2.91 -20.24 3.57
C1 GOL G . 8.47 -25.29 -8.18
O1 GOL G . 9.52 -24.51 -7.65
C2 GOL G . 7.79 -26.12 -7.11
O2 GOL G . 6.50 -25.56 -6.84
C3 GOL G . 7.65 -27.55 -7.56
O3 GOL G . 7.09 -28.38 -6.55
C1 EDO H . 4.18 -13.12 -7.57
O1 EDO H . 3.05 -12.29 -7.51
C2 EDO H . 3.77 -14.59 -7.31
O2 EDO H . 2.78 -15.00 -8.24
C1 EDO I . -16.12 -18.46 11.97
O1 EDO I . -15.50 -19.40 12.87
C2 EDO I . -15.30 -17.17 11.72
O2 EDO I . -14.94 -16.45 12.90
C1 EDO J . -5.51 -34.55 13.49
O1 EDO J . -4.57 -33.56 13.87
C2 EDO J . -4.83 -35.96 13.35
O2 EDO J . -5.67 -36.82 12.59
C1 EDO K . -0.73 -1.95 0.38
O1 EDO K . -1.46 -2.54 -0.67
C2 EDO K . 0.12 -3.02 1.05
O2 EDO K . 0.90 -3.66 0.06
C1 EDO L . -1.67 -29.22 11.56
O1 EDO L . -1.91 -28.47 10.38
C2 EDO L . -2.42 -30.56 11.46
O2 EDO L . -1.94 -31.52 12.40
C1 EDO M . 15.18 -8.55 -5.57
O1 EDO M . 15.38 -7.54 -4.59
C2 EDO M . 16.04 -9.78 -5.17
O2 EDO M . 15.55 -10.31 -3.95
C1 EDO N . -18.51 -20.96 28.94
O1 EDO N . -17.26 -21.59 28.99
C2 EDO N . -18.38 -19.55 29.44
O2 EDO N . -19.53 -18.85 29.07
C1 EDO O . -17.36 -24.65 30.95
O1 EDO O . -16.64 -25.71 31.50
C2 EDO O . -17.01 -23.35 31.66
O2 EDO O . -18.15 -22.57 31.48
C1 EDO P . 15.40 -21.13 -5.56
O1 EDO P . 16.76 -21.51 -5.71
C2 EDO P . 15.27 -19.63 -5.87
O2 EDO P . 13.91 -19.33 -6.16
C1 EDO Q . -6.15 -17.08 16.03
O1 EDO Q . -5.77 -16.68 14.70
C2 EDO Q . -7.42 -17.96 16.05
O2 EDO Q . -8.59 -17.22 15.72
ZN ZN R . -12.88 7.25 14.22
C1 CIT S . -8.63 6.87 15.84
O1 CIT S . -9.21 5.81 15.69
O2 CIT S . -7.36 6.96 16.14
C2 CIT S . -9.31 8.22 15.71
C3 CIT S . -10.66 8.33 16.42
O7 CIT S . -11.42 7.19 16.04
C4 CIT S . -10.49 8.33 17.95
C5 CIT S . -9.41 9.20 18.57
O3 CIT S . -8.57 8.74 19.31
O4 CIT S . -9.45 10.47 18.25
C6 CIT S . -11.40 9.58 15.92
O5 CIT S . -12.42 9.30 15.16
O6 CIT S . -11.16 10.70 16.34
S SO4 T . -18.99 -0.96 22.80
O1 SO4 T . -18.45 -2.33 22.80
O2 SO4 T . -19.59 -0.68 24.10
O3 SO4 T . -17.90 -0.02 22.55
O4 SO4 T . -20.01 -0.84 21.75
C1 EDO U . -13.26 10.87 39.46
O1 EDO U . -12.35 11.88 39.07
C2 EDO U . -13.75 10.13 38.19
O2 EDO U . -14.45 11.02 37.33
C1 EDO V . -11.22 24.15 26.55
O1 EDO V . -9.90 23.89 26.99
C2 EDO V . -12.19 23.30 27.36
O2 EDO V . -13.50 23.43 26.84
C1 EDO W . -21.25 -18.32 32.26
O1 EDO W . -20.35 -19.35 31.91
C2 EDO W . -21.00 -17.13 31.29
O2 EDO W . -19.94 -16.31 31.76
C1 EDO X . -18.98 9.29 1.42
O1 EDO X . -18.62 9.57 2.73
C2 EDO X . -19.90 8.09 1.39
O2 EDO X . -20.11 7.65 0.07
C1 EDO Y . -4.58 -8.84 14.34
O1 EDO Y . -3.80 -8.90 15.52
C2 EDO Y . -5.65 -9.97 14.29
O2 EDO Y . -6.45 -9.96 15.48
C1 EDO Z . -16.27 -15.35 6.43
O1 EDO Z . -15.62 -15.56 7.70
C2 EDO Z . -17.81 -15.56 6.43
O2 EDO Z . -18.48 -14.67 7.32
C1 EDO AA . -1.70 1.30 3.36
O1 EDO AA . -1.88 2.40 2.52
C2 EDO AA . -0.56 0.47 2.76
O2 EDO AA . 0.49 1.32 2.33
C1 EDO BA . -4.76 -6.68 21.03
O1 EDO BA . -5.51 -5.61 21.60
C2 EDO BA . -5.48 -8.02 21.26
O2 EDO BA . -5.64 -8.31 22.65
C1 EDO CA . -11.19 -13.08 19.75
O1 EDO CA . -12.58 -12.99 19.48
C2 EDO CA . -10.98 -13.27 21.28
O2 EDO CA . -9.61 -13.12 21.58
C1 EDO DA . -0.21 5.59 9.40
O1 EDO DA . -0.80 5.53 8.10
C2 EDO DA . 0.07 4.20 10.00
O2 EDO DA . 1.11 3.54 9.26
ZN ZN EA . -0.88 20.94 -0.63
C1 CIT FA . -3.95 19.03 -3.50
O1 CIT FA . -4.92 18.41 -4.13
O2 CIT FA . -2.81 18.99 -3.87
C2 CIT FA . -4.39 19.83 -2.27
C3 CIT FA . -3.75 21.22 -2.14
O7 CIT FA . -2.35 21.05 -2.36
C4 CIT FA . -4.28 22.20 -3.20
C5 CIT FA . -5.77 22.25 -3.49
O3 CIT FA . -6.55 22.37 -2.43
O4 CIT FA . -6.22 22.20 -4.62
C6 CIT FA . -3.95 21.81 -0.74
O5 CIT FA . -2.84 21.88 -0.06
O6 CIT FA . -4.99 22.26 -0.35
C1 PEG GA . 11.99 24.46 -4.42
O1 PEG GA . 12.69 23.72 -3.42
C2 PEG GA . 11.37 25.68 -3.84
O2 PEG GA . 10.63 26.40 -4.84
C3 PEG GA . 9.63 27.24 -4.26
C4 PEG GA . 8.95 28.05 -5.29
O4 PEG GA . 9.85 28.83 -6.05
C1 EDO HA . -6.09 13.80 -23.02
O1 EDO HA . -5.92 14.27 -24.35
C2 EDO HA . -5.80 12.28 -22.95
O2 EDO HA . -4.41 12.08 -23.13
C1 EDO IA . 17.92 17.65 -6.96
O1 EDO IA . 17.26 18.25 -8.06
C2 EDO IA . 16.92 17.57 -5.79
O2 EDO IA . 15.90 16.65 -6.11
C1 EDO JA . -11.63 10.23 -4.68
O1 EDO JA . -11.34 11.58 -4.93
C2 EDO JA . -11.08 9.40 -5.84
O2 EDO JA . -9.68 9.42 -5.85
ZN ZN KA . 7.06 -8.16 -17.72
C1 CIT LA . 10.33 -5.79 -15.63
O1 CIT LA . 11.26 -5.29 -14.87
O2 CIT LA . 9.48 -5.12 -16.17
C2 CIT LA . 10.43 -7.29 -15.79
C3 CIT LA . 10.30 -7.82 -17.23
O7 CIT LA . 9.15 -7.18 -17.81
C4 CIT LA . 11.54 -7.47 -18.06
C5 CIT LA . 12.91 -7.67 -17.44
O3 CIT LA . 13.14 -8.89 -16.98
O4 CIT LA . 13.73 -6.78 -17.37
C6 CIT LA . 10.04 -9.33 -17.21
O5 CIT LA . 10.91 -10.14 -17.03
O6 CIT LA . 8.83 -9.65 -17.55
NA NA MA . 24.20 32.01 -25.24
NA NA NA . 17.68 24.84 -32.75
#